data_321D
# 
_entry.id   321D 
# 
_audit_conform.dict_name       mmcif_pdbx.dic 
_audit_conform.dict_version    5.387 
_audit_conform.dict_location   http://mmcif.pdb.org/dictionaries/ascii/mmcif_pdbx.dic 
# 
loop_
_database_2.database_id 
_database_2.database_code 
_database_2.pdbx_database_accession 
_database_2.pdbx_DOI 
PDB   321D         pdb_0000321d 10.2210/pdb321d/pdb 
RCSB  ADJ082       ?            ?                   
WWPDB D_1000178790 ?            ?                   
# 
loop_
_pdbx_audit_revision_history.ordinal 
_pdbx_audit_revision_history.data_content_type 
_pdbx_audit_revision_history.major_revision 
_pdbx_audit_revision_history.minor_revision 
_pdbx_audit_revision_history.revision_date 
1 'Structure model' 1 0 1997-05-22 
2 'Structure model' 1 1 2008-05-22 
3 'Structure model' 1 2 2011-07-13 
4 'Structure model' 1 3 2024-02-21 
# 
_pdbx_audit_revision_details.ordinal             1 
_pdbx_audit_revision_details.revision_ordinal    1 
_pdbx_audit_revision_details.data_content_type   'Structure model' 
_pdbx_audit_revision_details.provider            repository 
_pdbx_audit_revision_details.type                'Initial release' 
_pdbx_audit_revision_details.description         ? 
_pdbx_audit_revision_details.details             ? 
# 
loop_
_pdbx_audit_revision_group.ordinal 
_pdbx_audit_revision_group.revision_ordinal 
_pdbx_audit_revision_group.data_content_type 
_pdbx_audit_revision_group.group 
1 2 'Structure model' 'Version format compliance' 
2 3 'Structure model' 'Version format compliance' 
3 4 'Structure model' 'Data collection'           
4 4 'Structure model' 'Database references'       
5 4 'Structure model' 'Derived calculations'      
# 
loop_
_pdbx_audit_revision_category.ordinal 
_pdbx_audit_revision_category.revision_ordinal 
_pdbx_audit_revision_category.data_content_type 
_pdbx_audit_revision_category.category 
1 4 'Structure model' chem_comp_atom 
2 4 'Structure model' chem_comp_bond 
3 4 'Structure model' database_2     
4 4 'Structure model' struct_site    
# 
loop_
_pdbx_audit_revision_item.ordinal 
_pdbx_audit_revision_item.revision_ordinal 
_pdbx_audit_revision_item.data_content_type 
_pdbx_audit_revision_item.item 
1 4 'Structure model' '_database_2.pdbx_DOI'                
2 4 'Structure model' '_database_2.pdbx_database_accession' 
3 4 'Structure model' '_struct_site.pdbx_auth_asym_id'      
4 4 'Structure model' '_struct_site.pdbx_auth_comp_id'      
5 4 'Structure model' '_struct_site.pdbx_auth_seq_id'       
# 
_pdbx_database_status.status_code                     REL 
_pdbx_database_status.entry_id                        321D 
_pdbx_database_status.recvd_initial_deposition_date   1997-03-17 
_pdbx_database_status.deposit_site                    NDB 
_pdbx_database_status.process_site                    NDB 
_pdbx_database_status.status_code_sf                  REL 
_pdbx_database_status.status_code_mr                  ? 
_pdbx_database_status.SG_entry                        ? 
_pdbx_database_status.pdb_format_compatible           Y 
_pdbx_database_status.status_code_cs                  ? 
_pdbx_database_status.status_code_nmr_data            ? 
_pdbx_database_status.methods_development_category    ? 
# 
loop_
_audit_author.name 
_audit_author.pdbx_ordinal 
'Tippin, D.B.'      1 
'Sundaralingam, M.' 2 
# 
_citation.id                        primary 
_citation.title                     
;Nine polymorphic crystal structures of d(CCGGGCCCGG), d(CCGGGCCm5CGG), d(Cm5CGGGCCm5CGG) and d(CCGGGCC(Br)5CGG) in three different conformations: effects of spermine binding and methylation on the bending and condensation of A-DNA.
;
_citation.journal_abbrev            J.Mol.Biol. 
_citation.journal_volume            267 
_citation.page_first                1171 
_citation.page_last                 1185 
_citation.year                      1997 
_citation.journal_id_ASTM           JMOBAK 
_citation.country                   UK 
_citation.journal_id_ISSN           0022-2836 
_citation.journal_id_CSD            0070 
_citation.book_publisher            ? 
_citation.pdbx_database_id_PubMed   9150405 
_citation.pdbx_database_id_DOI      10.1006/jmbi.1997.0945 
# 
loop_
_citation_author.citation_id 
_citation_author.name 
_citation_author.ordinal 
_citation_author.identifier_ORCID 
primary 'Tippin, D.B.'      1 ? 
primary 'Sundaralingam, M.' 2 ? 
# 
loop_
_entity.id 
_entity.type 
_entity.src_method 
_entity.pdbx_description 
_entity.formula_weight 
_entity.pdbx_number_of_molecules 
_entity.pdbx_ec 
_entity.pdbx_mutation 
_entity.pdbx_fragment 
_entity.details 
1 polymer     syn 
;DNA (5'-D(*CP*CP*GP*GP*GP*CP*CP*CP*GP*G)-3')
;
3046.980 2  ? ? ? ? 
2 non-polymer syn SPERMINE                                       202.340  2  ? ? ? ? 
3 water       nat water                                          18.015   86 ? ? ? ? 
# 
_entity_poly.entity_id                      1 
_entity_poly.type                           polydeoxyribonucleotide 
_entity_poly.nstd_linkage                   no 
_entity_poly.nstd_monomer                   no 
_entity_poly.pdbx_seq_one_letter_code       '(DC)(DC)(DG)(DG)(DG)(DC)(DC)(DC)(DG)(DG)' 
_entity_poly.pdbx_seq_one_letter_code_can   CCGGGCCCGG 
_entity_poly.pdbx_strand_id                 A,B 
_entity_poly.pdbx_target_identifier         ? 
# 
loop_
_pdbx_entity_nonpoly.entity_id 
_pdbx_entity_nonpoly.name 
_pdbx_entity_nonpoly.comp_id 
2 SPERMINE SPM 
3 water    HOH 
# 
loop_
_entity_poly_seq.entity_id 
_entity_poly_seq.num 
_entity_poly_seq.mon_id 
_entity_poly_seq.hetero 
1 1  DC n 
1 2  DC n 
1 3  DG n 
1 4  DG n 
1 5  DG n 
1 6  DC n 
1 7  DC n 
1 8  DC n 
1 9  DG n 
1 10 DG n 
# 
loop_
_chem_comp.id 
_chem_comp.type 
_chem_comp.mon_nstd_flag 
_chem_comp.name 
_chem_comp.pdbx_synonyms 
_chem_comp.formula 
_chem_comp.formula_weight 
DC  'DNA linking' y "2'-DEOXYCYTIDINE-5'-MONOPHOSPHATE"  ? 'C9 H14 N3 O7 P'  307.197 
DG  'DNA linking' y "2'-DEOXYGUANOSINE-5'-MONOPHOSPHATE" ? 'C10 H14 N5 O7 P' 347.221 
HOH non-polymer   . WATER                                ? 'H2 O'            18.015  
SPM non-polymer   . SPERMINE                             ? 'C10 H26 N4'      202.340 
# 
loop_
_pdbx_poly_seq_scheme.asym_id 
_pdbx_poly_seq_scheme.entity_id 
_pdbx_poly_seq_scheme.seq_id 
_pdbx_poly_seq_scheme.mon_id 
_pdbx_poly_seq_scheme.ndb_seq_num 
_pdbx_poly_seq_scheme.pdb_seq_num 
_pdbx_poly_seq_scheme.auth_seq_num 
_pdbx_poly_seq_scheme.pdb_mon_id 
_pdbx_poly_seq_scheme.auth_mon_id 
_pdbx_poly_seq_scheme.pdb_strand_id 
_pdbx_poly_seq_scheme.pdb_ins_code 
_pdbx_poly_seq_scheme.hetero 
A 1 1  DC 1  1  1  DC C A . n 
A 1 2  DC 2  2  2  DC C A . n 
A 1 3  DG 3  3  3  DG G A . n 
A 1 4  DG 4  4  4  DG G A . n 
A 1 5  DG 5  5  5  DG G A . n 
A 1 6  DC 6  6  6  DC C A . n 
A 1 7  DC 7  7  7  DC C A . n 
A 1 8  DC 8  8  8  DC C A . n 
A 1 9  DG 9  9  9  DG G A . n 
A 1 10 DG 10 10 10 DG G A . n 
B 1 1  DC 1  11 11 DC C B . n 
B 1 2  DC 2  12 12 DC C B . n 
B 1 3  DG 3  13 13 DG G B . n 
B 1 4  DG 4  14 14 DG G B . n 
B 1 5  DG 5  15 15 DG G B . n 
B 1 6  DC 6  16 16 DC C B . n 
B 1 7  DC 7  17 17 DC C B . n 
B 1 8  DC 8  18 18 DC C B . n 
B 1 9  DG 9  19 19 DG G B . n 
B 1 10 DG 10 20 20 DG G B . n 
# 
loop_
_pdbx_nonpoly_scheme.asym_id 
_pdbx_nonpoly_scheme.entity_id 
_pdbx_nonpoly_scheme.mon_id 
_pdbx_nonpoly_scheme.ndb_seq_num 
_pdbx_nonpoly_scheme.pdb_seq_num 
_pdbx_nonpoly_scheme.auth_seq_num 
_pdbx_nonpoly_scheme.pdb_mon_id 
_pdbx_nonpoly_scheme.auth_mon_id 
_pdbx_nonpoly_scheme.pdb_strand_id 
_pdbx_nonpoly_scheme.pdb_ins_code 
C 2 SPM 1  21  21  SPM SPM A . 
D 2 SPM 1  22  22  SPM SPM A . 
E 3 HOH 1  23  23  HOH HOH A . 
E 3 HOH 2  24  24  HOH HOH A . 
E 3 HOH 3  25  25  HOH HOH A . 
E 3 HOH 4  26  26  HOH HOH A . 
E 3 HOH 5  27  27  HOH HOH A . 
E 3 HOH 6  28  28  HOH HOH A . 
E 3 HOH 7  29  29  HOH HOH A . 
E 3 HOH 8  30  30  HOH HOH A . 
E 3 HOH 9  31  31  HOH HOH A . 
E 3 HOH 10 32  32  HOH HOH A . 
E 3 HOH 11 33  33  HOH HOH A . 
E 3 HOH 12 34  34  HOH HOH A . 
E 3 HOH 13 35  35  HOH HOH A . 
E 3 HOH 14 36  36  HOH HOH A . 
E 3 HOH 15 37  37  HOH HOH A . 
E 3 HOH 16 38  38  HOH HOH A . 
E 3 HOH 17 39  39  HOH HOH A . 
E 3 HOH 18 45  45  HOH HOH A . 
E 3 HOH 19 46  46  HOH HOH A . 
E 3 HOH 20 53  53  HOH HOH A . 
E 3 HOH 21 54  54  HOH HOH A . 
E 3 HOH 22 56  56  HOH HOH A . 
E 3 HOH 23 57  57  HOH HOH A . 
E 3 HOH 24 58  58  HOH HOH A . 
E 3 HOH 25 59  59  HOH HOH A . 
E 3 HOH 26 60  60  HOH HOH A . 
E 3 HOH 27 61  61  HOH HOH A . 
E 3 HOH 28 62  62  HOH HOH A . 
E 3 HOH 29 63  63  HOH HOH A . 
E 3 HOH 30 64  64  HOH HOH A . 
E 3 HOH 31 65  65  HOH HOH A . 
E 3 HOH 32 66  66  HOH HOH A . 
E 3 HOH 33 67  67  HOH HOH A . 
E 3 HOH 34 73  73  HOH HOH A . 
E 3 HOH 35 78  78  HOH HOH A . 
E 3 HOH 36 79  79  HOH HOH A . 
E 3 HOH 37 85  85  HOH HOH A . 
E 3 HOH 38 86  86  HOH HOH A . 
E 3 HOH 39 87  87  HOH HOH A . 
E 3 HOH 40 88  88  HOH HOH A . 
E 3 HOH 41 89  89  HOH HOH A . 
E 3 HOH 42 91  91  HOH HOH A . 
E 3 HOH 43 95  95  HOH HOH A . 
E 3 HOH 44 96  96  HOH HOH A . 
E 3 HOH 45 97  97  HOH HOH A . 
E 3 HOH 46 98  98  HOH HOH A . 
E 3 HOH 47 99  99  HOH HOH A . 
E 3 HOH 48 100 100 HOH HOH A . 
E 3 HOH 49 101 101 HOH HOH A . 
E 3 HOH 50 102 102 HOH HOH A . 
E 3 HOH 51 103 103 HOH HOH A . 
E 3 HOH 52 104 104 HOH HOH A . 
E 3 HOH 53 105 105 HOH HOH A . 
E 3 HOH 54 106 106 HOH HOH A . 
E 3 HOH 55 107 107 HOH HOH A . 
E 3 HOH 56 108 108 HOH HOH A . 
F 3 HOH 1  40  40  HOH HOH B . 
F 3 HOH 2  41  41  HOH HOH B . 
F 3 HOH 3  42  42  HOH HOH B . 
F 3 HOH 4  43  43  HOH HOH B . 
F 3 HOH 5  44  44  HOH HOH B . 
F 3 HOH 6  47  47  HOH HOH B . 
F 3 HOH 7  48  48  HOH HOH B . 
F 3 HOH 8  49  49  HOH HOH B . 
F 3 HOH 9  50  50  HOH HOH B . 
F 3 HOH 10 51  51  HOH HOH B . 
F 3 HOH 11 52  52  HOH HOH B . 
F 3 HOH 12 55  55  HOH HOH B . 
F 3 HOH 13 68  68  HOH HOH B . 
F 3 HOH 14 69  69  HOH HOH B . 
F 3 HOH 15 70  70  HOH HOH B . 
F 3 HOH 16 71  71  HOH HOH B . 
F 3 HOH 17 72  72  HOH HOH B . 
F 3 HOH 18 74  74  HOH HOH B . 
F 3 HOH 19 75  75  HOH HOH B . 
F 3 HOH 20 76  76  HOH HOH B . 
F 3 HOH 21 77  77  HOH HOH B . 
F 3 HOH 22 80  80  HOH HOH B . 
F 3 HOH 23 81  81  HOH HOH B . 
F 3 HOH 24 82  82  HOH HOH B . 
F 3 HOH 25 83  83  HOH HOH B . 
F 3 HOH 26 84  84  HOH HOH B . 
F 3 HOH 27 90  90  HOH HOH B . 
F 3 HOH 28 92  92  HOH HOH B . 
F 3 HOH 29 93  93  HOH HOH B . 
F 3 HOH 30 94  94  HOH HOH B . 
# 
loop_
_software.name 
_software.classification 
_software.version 
_software.citation_id 
_software.pdbx_ordinal 
X-PLOR refinement       .        ? 1 
XENGEN 'data reduction' 'V. 2.0' ? 2 
# 
_cell.entry_id           321D 
_cell.length_a           23.740 
_cell.length_b           40.890 
_cell.length_c           43.600 
_cell.angle_alpha        90.00 
_cell.angle_beta         90.00 
_cell.angle_gamma        90.00 
_cell.Z_PDB              8 
_cell.pdbx_unique_axis   ? 
# 
_symmetry.entry_id                         321D 
_symmetry.space_group_name_H-M             'P 21 21 21' 
_symmetry.pdbx_full_space_group_name_H-M   ? 
_symmetry.cell_setting                     ? 
_symmetry.Int_Tables_number                19 
# 
_exptl.entry_id          321D 
_exptl.method            'X-RAY DIFFRACTION' 
_exptl.crystals_number   ? 
# 
_exptl_crystal.id                    1 
_exptl_crystal.density_meas          ? 
_exptl_crystal.density_Matthews      ? 
_exptl_crystal.density_percent_sol   29.16 
_exptl_crystal.description           ? 
# 
_exptl_crystal_grow.crystal_id      1 
_exptl_crystal_grow.method          'VAPOR DIFFUSION, HANGING DROP' 
_exptl_crystal_grow.temp            295.00 
_exptl_crystal_grow.temp_details    ? 
_exptl_crystal_grow.pH              7.00 
_exptl_crystal_grow.pdbx_details    'pH 7.00, VAPOR DIFFUSION, HANGING DROP, temperature 295.00K' 
_exptl_crystal_grow.pdbx_pH_range   ? 
# 
loop_
_exptl_crystal_grow_comp.crystal_id 
_exptl_crystal_grow_comp.id 
_exptl_crystal_grow_comp.sol_id 
_exptl_crystal_grow_comp.name 
_exptl_crystal_grow_comp.volume 
_exptl_crystal_grow_comp.conc 
_exptl_crystal_grow_comp.details 
1 1 1 WATER           ? ? ? 
1 2 1 'NA CACODYLATE' ? ? ? 
1 3 1 'LA NITRATE'    ? ? ? 
1 4 1 SPERMINE_HCL    ? ? ? 
1 5 2 WATER           ? ? ? 
1 6 2 MPD             ? ? ? 
# 
_diffrn.id                     1 
_diffrn.ambient_temp           295.00 
_diffrn.ambient_temp_details   ? 
_diffrn.crystal_id             1 
# 
_diffrn_detector.diffrn_id              1 
_diffrn_detector.detector               'AREA DETECTOR' 
_diffrn_detector.type                   SIEMENS-NICOLET 
_diffrn_detector.pdbx_collection_date   1995-04-01 
_diffrn_detector.details                ? 
# 
_diffrn_radiation.diffrn_id                        1 
_diffrn_radiation.wavelength_id                    1 
_diffrn_radiation.pdbx_monochromatic_or_laue_m_l   M 
_diffrn_radiation.monochromator                    ? 
_diffrn_radiation.pdbx_diffrn_protocol             ? 
_diffrn_radiation.pdbx_scattering_type             x-ray 
# 
_diffrn_radiation_wavelength.id           1 
_diffrn_radiation_wavelength.wavelength   . 
_diffrn_radiation_wavelength.wt           1.0 
# 
_diffrn_source.diffrn_id                   1 
_diffrn_source.source                      'ROTATING ANODE' 
_diffrn_source.type                        ? 
_diffrn_source.pdbx_synchrotron_site       ? 
_diffrn_source.pdbx_synchrotron_beamline   ? 
_diffrn_source.pdbx_wavelength             ? 
_diffrn_source.pdbx_wavelength_list        ? 
# 
_reflns.entry_id                     321D 
_reflns.observed_criterion_sigma_I   2.000 
_reflns.observed_criterion_sigma_F   ? 
_reflns.d_resolution_low             ? 
_reflns.d_resolution_high            2.150 
_reflns.number_obs                   1843 
_reflns.number_all                   ? 
_reflns.percent_possible_obs         74.000 
_reflns.pdbx_Rmerge_I_obs            0.0470000 
_reflns.pdbx_Rsym_value              ? 
_reflns.pdbx_netI_over_sigmaI        10.600 
_reflns.B_iso_Wilson_estimate        ? 
_reflns.pdbx_redundancy              ? 
_reflns.pdbx_diffrn_id               1 
_reflns.pdbx_ordinal                 1 
# 
_refine.entry_id                                 321D 
_refine.ls_number_reflns_obs                     1843 
_refine.ls_number_reflns_all                     ? 
_refine.pdbx_ls_sigma_I                          ? 
_refine.pdbx_ls_sigma_F                          1.000 
_refine.pdbx_data_cutoff_high_absF               ? 
_refine.pdbx_data_cutoff_low_absF                ? 
_refine.pdbx_data_cutoff_high_rms_absF           ? 
_refine.ls_d_res_low                             8.000 
_refine.ls_d_res_high                            2.150 
_refine.ls_percent_reflns_obs                    ? 
_refine.ls_R_factor_obs                          0.1530000 
_refine.ls_R_factor_all                          ? 
_refine.ls_R_factor_R_work                       0.1530000 
_refine.ls_R_factor_R_free                       0.1670000 
_refine.ls_R_factor_R_free_error                 ? 
_refine.ls_R_factor_R_free_error_details         ? 
_refine.ls_percent_reflns_R_free                 ? 
_refine.ls_number_reflns_R_free                  ? 
_refine.ls_number_parameters                     ? 
_refine.ls_number_restraints                     ? 
_refine.occupancy_min                            ? 
_refine.occupancy_max                            ? 
_refine.B_iso_mean                               ? 
_refine.aniso_B[1][1]                            ? 
_refine.aniso_B[2][2]                            ? 
_refine.aniso_B[3][3]                            ? 
_refine.aniso_B[1][2]                            ? 
_refine.aniso_B[1][3]                            ? 
_refine.aniso_B[2][3]                            ? 
_refine.solvent_model_details                    ? 
_refine.solvent_model_param_ksol                 ? 
_refine.solvent_model_param_bsol                 ? 
_refine.pdbx_ls_cross_valid_method               ? 
_refine.details                                  ? 
_refine.pdbx_starting_model                      ? 
_refine.pdbx_method_to_determine_struct          ? 
_refine.pdbx_isotropic_thermal_model             ? 
_refine.pdbx_stereochemistry_target_values       ? 
_refine.pdbx_stereochem_target_val_spec_case     ? 
_refine.pdbx_R_Free_selection_details            ? 
_refine.pdbx_overall_ESU_R                       ? 
_refine.pdbx_overall_ESU_R_Free                  ? 
_refine.overall_SU_ML                            ? 
_refine.overall_SU_B                             ? 
_refine.pdbx_refine_id                           'X-RAY DIFFRACTION' 
_refine.pdbx_diffrn_id                           1 
_refine.pdbx_TLS_residual_ADP_flag               ? 
_refine.correlation_coeff_Fo_to_Fc               ? 
_refine.correlation_coeff_Fo_to_Fc_free          ? 
_refine.pdbx_solvent_vdw_probe_radii             ? 
_refine.pdbx_solvent_ion_probe_radii             ? 
_refine.pdbx_solvent_shrinkage_radii             ? 
_refine.pdbx_overall_phase_error                 ? 
_refine.overall_SU_R_Cruickshank_DPI             ? 
_refine.pdbx_overall_SU_R_free_Cruickshank_DPI   ? 
_refine.pdbx_overall_SU_R_Blow_DPI               ? 
_refine.pdbx_overall_SU_R_free_Blow_DPI          ? 
# 
_refine_hist.pdbx_refine_id                   'X-RAY DIFFRACTION' 
_refine_hist.cycle_id                         LAST 
_refine_hist.pdbx_number_atoms_protein        0 
_refine_hist.pdbx_number_atoms_nucleic_acid   404 
_refine_hist.pdbx_number_atoms_ligand         28 
_refine_hist.number_atoms_solvent             86 
_refine_hist.number_atoms_total               518 
_refine_hist.d_res_high                       2.150 
_refine_hist.d_res_low                        8.000 
# 
loop_
_refine_ls_restr.type 
_refine_ls_restr.dev_ideal 
_refine_ls_restr.dev_ideal_target 
_refine_ls_restr.weight 
_refine_ls_restr.number 
_refine_ls_restr.pdbx_refine_id 
_refine_ls_restr.pdbx_restraint_function 
x_bond_d                0.010 ? ? ? 'X-RAY DIFFRACTION' ? 
x_bond_d_na             ?     ? ? ? 'X-RAY DIFFRACTION' ? 
x_bond_d_prot           ?     ? ? ? 'X-RAY DIFFRACTION' ? 
x_angle_d               ?     ? ? ? 'X-RAY DIFFRACTION' ? 
x_angle_d_na            ?     ? ? ? 'X-RAY DIFFRACTION' ? 
x_angle_d_prot          ?     ? ? ? 'X-RAY DIFFRACTION' ? 
x_angle_deg             1.99  ? ? ? 'X-RAY DIFFRACTION' ? 
x_angle_deg_na          ?     ? ? ? 'X-RAY DIFFRACTION' ? 
x_angle_deg_prot        ?     ? ? ? 'X-RAY DIFFRACTION' ? 
x_dihedral_angle_d      ?     ? ? ? 'X-RAY DIFFRACTION' ? 
x_dihedral_angle_d_na   ?     ? ? ? 'X-RAY DIFFRACTION' ? 
x_dihedral_angle_d_prot ?     ? ? ? 'X-RAY DIFFRACTION' ? 
x_improper_angle_d      ?     ? ? ? 'X-RAY DIFFRACTION' ? 
x_improper_angle_d_na   ?     ? ? ? 'X-RAY DIFFRACTION' ? 
x_improper_angle_d_prot ?     ? ? ? 'X-RAY DIFFRACTION' ? 
x_mcbond_it             ?     ? ? ? 'X-RAY DIFFRACTION' ? 
x_mcangle_it            ?     ? ? ? 'X-RAY DIFFRACTION' ? 
x_scbond_it             ?     ? ? ? 'X-RAY DIFFRACTION' ? 
x_scangle_it            ?     ? ? ? 'X-RAY DIFFRACTION' ? 
# 
_struct.entry_id                  321D 
_struct.title                     'CRYSTAL STRUCTURES OF D(CCGGGCCCGG)-ORTHOGONAL FORM' 
_struct.pdbx_model_details        ? 
_struct.pdbx_CASP_flag            ? 
_struct.pdbx_model_type_details   ? 
# 
_struct_keywords.entry_id        321D 
_struct_keywords.pdbx_keywords   DNA 
_struct_keywords.text            'A-DNA, DOUBLE HELIX, DNA' 
# 
loop_
_struct_asym.id 
_struct_asym.pdbx_blank_PDB_chainid_flag 
_struct_asym.pdbx_modified 
_struct_asym.entity_id 
_struct_asym.details 
A N N 1 ? 
B N N 1 ? 
C N N 2 ? 
D N N 2 ? 
E N N 3 ? 
F N N 3 ? 
# 
_struct_ref.id                         1 
_struct_ref.entity_id                  1 
_struct_ref.db_name                    PDB 
_struct_ref.db_code                    321D 
_struct_ref.pdbx_db_accession          321D 
_struct_ref.pdbx_db_isoform            ? 
_struct_ref.pdbx_seq_one_letter_code   ? 
_struct_ref.pdbx_align_begin           ? 
# 
loop_
_struct_ref_seq.align_id 
_struct_ref_seq.ref_id 
_struct_ref_seq.pdbx_PDB_id_code 
_struct_ref_seq.pdbx_strand_id 
_struct_ref_seq.seq_align_beg 
_struct_ref_seq.pdbx_seq_align_beg_ins_code 
_struct_ref_seq.seq_align_end 
_struct_ref_seq.pdbx_seq_align_end_ins_code 
_struct_ref_seq.pdbx_db_accession 
_struct_ref_seq.db_align_beg 
_struct_ref_seq.pdbx_db_align_beg_ins_code 
_struct_ref_seq.db_align_end 
_struct_ref_seq.pdbx_db_align_end_ins_code 
_struct_ref_seq.pdbx_auth_seq_align_beg 
_struct_ref_seq.pdbx_auth_seq_align_end 
1 1 321D A 1 ? 10 ? 321D 1  ? 10 ? 1  10 
2 1 321D B 1 ? 10 ? 321D 11 ? 20 ? 11 20 
# 
_pdbx_struct_assembly.id                   1 
_pdbx_struct_assembly.details              author_defined_assembly 
_pdbx_struct_assembly.method_details       ? 
_pdbx_struct_assembly.oligomeric_details   dimeric 
_pdbx_struct_assembly.oligomeric_count     2 
# 
_pdbx_struct_assembly_gen.assembly_id       1 
_pdbx_struct_assembly_gen.oper_expression   1 
_pdbx_struct_assembly_gen.asym_id_list      A,B,C,D,E,F 
# 
_pdbx_struct_oper_list.id                   1 
_pdbx_struct_oper_list.type                 'identity operation' 
_pdbx_struct_oper_list.name                 1_555 
_pdbx_struct_oper_list.symmetry_operation   x,y,z 
_pdbx_struct_oper_list.matrix[1][1]         1.0000000000 
_pdbx_struct_oper_list.matrix[1][2]         0.0000000000 
_pdbx_struct_oper_list.matrix[1][3]         0.0000000000 
_pdbx_struct_oper_list.vector[1]            0.0000000000 
_pdbx_struct_oper_list.matrix[2][1]         0.0000000000 
_pdbx_struct_oper_list.matrix[2][2]         1.0000000000 
_pdbx_struct_oper_list.matrix[2][3]         0.0000000000 
_pdbx_struct_oper_list.vector[2]            0.0000000000 
_pdbx_struct_oper_list.matrix[3][1]         0.0000000000 
_pdbx_struct_oper_list.matrix[3][2]         0.0000000000 
_pdbx_struct_oper_list.matrix[3][3]         1.0000000000 
_pdbx_struct_oper_list.vector[3]            0.0000000000 
# 
_struct_biol.id   1 
# 
loop_
_struct_conn.id 
_struct_conn.conn_type_id 
_struct_conn.pdbx_leaving_atom_flag 
_struct_conn.pdbx_PDB_id 
_struct_conn.ptnr1_label_asym_id 
_struct_conn.ptnr1_label_comp_id 
_struct_conn.ptnr1_label_seq_id 
_struct_conn.ptnr1_label_atom_id 
_struct_conn.pdbx_ptnr1_label_alt_id 
_struct_conn.pdbx_ptnr1_PDB_ins_code 
_struct_conn.pdbx_ptnr1_standard_comp_id 
_struct_conn.ptnr1_symmetry 
_struct_conn.ptnr2_label_asym_id 
_struct_conn.ptnr2_label_comp_id 
_struct_conn.ptnr2_label_seq_id 
_struct_conn.ptnr2_label_atom_id 
_struct_conn.pdbx_ptnr2_label_alt_id 
_struct_conn.pdbx_ptnr2_PDB_ins_code 
_struct_conn.ptnr1_auth_asym_id 
_struct_conn.ptnr1_auth_comp_id 
_struct_conn.ptnr1_auth_seq_id 
_struct_conn.ptnr2_auth_asym_id 
_struct_conn.ptnr2_auth_comp_id 
_struct_conn.ptnr2_auth_seq_id 
_struct_conn.ptnr2_symmetry 
_struct_conn.pdbx_ptnr3_label_atom_id 
_struct_conn.pdbx_ptnr3_label_seq_id 
_struct_conn.pdbx_ptnr3_label_comp_id 
_struct_conn.pdbx_ptnr3_label_asym_id 
_struct_conn.pdbx_ptnr3_label_alt_id 
_struct_conn.pdbx_ptnr3_PDB_ins_code 
_struct_conn.details 
_struct_conn.pdbx_dist_value 
_struct_conn.pdbx_value_order 
_struct_conn.pdbx_role 
hydrog1  hydrog ? ? A DC 1  N3 ? ? ? 1_555 B DG 10 N1 ? ? A DC 1  B DG 20 1_555 ? ? ? ? ? ? WATSON-CRICK ? ? ? 
hydrog2  hydrog ? ? A DC 1  N4 ? ? ? 1_555 B DG 10 O6 ? ? A DC 1  B DG 20 1_555 ? ? ? ? ? ? WATSON-CRICK ? ? ? 
hydrog3  hydrog ? ? A DC 1  O2 ? ? ? 1_555 B DG 10 N2 ? ? A DC 1  B DG 20 1_555 ? ? ? ? ? ? WATSON-CRICK ? ? ? 
hydrog4  hydrog ? ? A DC 2  N3 ? ? ? 1_555 B DG 9  N1 ? ? A DC 2  B DG 19 1_555 ? ? ? ? ? ? WATSON-CRICK ? ? ? 
hydrog5  hydrog ? ? A DC 2  N4 ? ? ? 1_555 B DG 9  O6 ? ? A DC 2  B DG 19 1_555 ? ? ? ? ? ? WATSON-CRICK ? ? ? 
hydrog6  hydrog ? ? A DC 2  O2 ? ? ? 1_555 B DG 9  N2 ? ? A DC 2  B DG 19 1_555 ? ? ? ? ? ? WATSON-CRICK ? ? ? 
hydrog7  hydrog ? ? A DG 3  N1 ? ? ? 1_555 B DC 8  N3 ? ? A DG 3  B DC 18 1_555 ? ? ? ? ? ? WATSON-CRICK ? ? ? 
hydrog8  hydrog ? ? A DG 3  N2 ? ? ? 1_555 B DC 8  O2 ? ? A DG 3  B DC 18 1_555 ? ? ? ? ? ? WATSON-CRICK ? ? ? 
hydrog9  hydrog ? ? A DG 3  O6 ? ? ? 1_555 B DC 8  N4 ? ? A DG 3  B DC 18 1_555 ? ? ? ? ? ? WATSON-CRICK ? ? ? 
hydrog10 hydrog ? ? A DG 4  N1 ? ? ? 1_555 B DC 7  N3 ? ? A DG 4  B DC 17 1_555 ? ? ? ? ? ? WATSON-CRICK ? ? ? 
hydrog11 hydrog ? ? A DG 4  N2 ? ? ? 1_555 B DC 7  O2 ? ? A DG 4  B DC 17 1_555 ? ? ? ? ? ? WATSON-CRICK ? ? ? 
hydrog12 hydrog ? ? A DG 4  O6 ? ? ? 1_555 B DC 7  N4 ? ? A DG 4  B DC 17 1_555 ? ? ? ? ? ? WATSON-CRICK ? ? ? 
hydrog13 hydrog ? ? A DG 5  N1 ? ? ? 1_555 B DC 6  N3 ? ? A DG 5  B DC 16 1_555 ? ? ? ? ? ? WATSON-CRICK ? ? ? 
hydrog14 hydrog ? ? A DG 5  N2 ? ? ? 1_555 B DC 6  O2 ? ? A DG 5  B DC 16 1_555 ? ? ? ? ? ? WATSON-CRICK ? ? ? 
hydrog15 hydrog ? ? A DG 5  O6 ? ? ? 1_555 B DC 6  N4 ? ? A DG 5  B DC 16 1_555 ? ? ? ? ? ? WATSON-CRICK ? ? ? 
hydrog16 hydrog ? ? A DC 6  N3 ? ? ? 1_555 B DG 5  N1 ? ? A DC 6  B DG 15 1_555 ? ? ? ? ? ? WATSON-CRICK ? ? ? 
hydrog17 hydrog ? ? A DC 6  N4 ? ? ? 1_555 B DG 5  O6 ? ? A DC 6  B DG 15 1_555 ? ? ? ? ? ? WATSON-CRICK ? ? ? 
hydrog18 hydrog ? ? A DC 6  O2 ? ? ? 1_555 B DG 5  N2 ? ? A DC 6  B DG 15 1_555 ? ? ? ? ? ? WATSON-CRICK ? ? ? 
hydrog19 hydrog ? ? A DC 7  N3 ? ? ? 1_555 B DG 4  N1 ? ? A DC 7  B DG 14 1_555 ? ? ? ? ? ? WATSON-CRICK ? ? ? 
hydrog20 hydrog ? ? A DC 7  N4 ? ? ? 1_555 B DG 4  O6 ? ? A DC 7  B DG 14 1_555 ? ? ? ? ? ? WATSON-CRICK ? ? ? 
hydrog21 hydrog ? ? A DC 7  O2 ? ? ? 1_555 B DG 4  N2 ? ? A DC 7  B DG 14 1_555 ? ? ? ? ? ? WATSON-CRICK ? ? ? 
hydrog22 hydrog ? ? A DC 8  N3 ? ? ? 1_555 B DG 3  N1 ? ? A DC 8  B DG 13 1_555 ? ? ? ? ? ? WATSON-CRICK ? ? ? 
hydrog23 hydrog ? ? A DC 8  N4 ? ? ? 1_555 B DG 3  O6 ? ? A DC 8  B DG 13 1_555 ? ? ? ? ? ? WATSON-CRICK ? ? ? 
hydrog24 hydrog ? ? A DC 8  O2 ? ? ? 1_555 B DG 3  N2 ? ? A DC 8  B DG 13 1_555 ? ? ? ? ? ? WATSON-CRICK ? ? ? 
hydrog25 hydrog ? ? A DG 9  N1 ? ? ? 1_555 B DC 2  N3 ? ? A DG 9  B DC 12 1_555 ? ? ? ? ? ? WATSON-CRICK ? ? ? 
hydrog26 hydrog ? ? A DG 9  N2 ? ? ? 1_555 B DC 2  O2 ? ? A DG 9  B DC 12 1_555 ? ? ? ? ? ? WATSON-CRICK ? ? ? 
hydrog27 hydrog ? ? A DG 9  O6 ? ? ? 1_555 B DC 2  N4 ? ? A DG 9  B DC 12 1_555 ? ? ? ? ? ? WATSON-CRICK ? ? ? 
hydrog28 hydrog ? ? A DG 10 N1 ? ? ? 1_555 B DC 1  N3 ? ? A DG 10 B DC 11 1_555 ? ? ? ? ? ? WATSON-CRICK ? ? ? 
hydrog29 hydrog ? ? A DG 10 N2 ? ? ? 1_555 B DC 1  O2 ? ? A DG 10 B DC 11 1_555 ? ? ? ? ? ? WATSON-CRICK ? ? ? 
hydrog30 hydrog ? ? A DG 10 O6 ? ? ? 1_555 B DC 1  N4 ? ? A DG 10 B DC 11 1_555 ? ? ? ? ? ? WATSON-CRICK ? ? ? 
# 
_struct_conn_type.id          hydrog 
_struct_conn_type.criteria    ? 
_struct_conn_type.reference   ? 
# 
loop_
_struct_site.id 
_struct_site.pdbx_evidence_code 
_struct_site.pdbx_auth_asym_id 
_struct_site.pdbx_auth_comp_id 
_struct_site.pdbx_auth_seq_id 
_struct_site.pdbx_auth_ins_code 
_struct_site.pdbx_num_residues 
_struct_site.details 
AC1 Software A SPM 21 ? 10 'BINDING SITE FOR RESIDUE SPM A 21' 
AC2 Software A SPM 22 ? 8  'BINDING SITE FOR RESIDUE SPM A 22' 
# 
loop_
_struct_site_gen.id 
_struct_site_gen.site_id 
_struct_site_gen.pdbx_num_res 
_struct_site_gen.label_comp_id 
_struct_site_gen.label_asym_id 
_struct_site_gen.label_seq_id 
_struct_site_gen.pdbx_auth_ins_code 
_struct_site_gen.auth_comp_id 
_struct_site_gen.auth_asym_id 
_struct_site_gen.auth_seq_id 
_struct_site_gen.label_atom_id 
_struct_site_gen.label_alt_id 
_struct_site_gen.symmetry 
_struct_site_gen.details 
1  AC1 10 DC  A 2  ? DC  A 2   . ? 1_555 ? 
2  AC1 10 DG  A 3  ? DG  A 3   . ? 1_555 ? 
3  AC1 10 DG  A 4  ? DG  A 4   . ? 1_555 ? 
4  AC1 10 DC  A 8  ? DC  A 8   . ? 3_655 ? 
5  AC1 10 DG  A 9  ? DG  A 9   . ? 3_655 ? 
6  AC1 10 HOH E .  ? HOH A 100 . ? 1_555 ? 
7  AC1 10 DC  B 2  ? DC  B 12  . ? 1_555 ? 
8  AC1 10 DG  B 3  ? DG  B 13  . ? 1_555 ? 
9  AC1 10 DC  B 6  ? DC  B 16  . ? 3_555 ? 
10 AC1 10 DC  B 7  ? DC  B 17  . ? 3_555 ? 
11 AC2 8  DG  A 4  ? DG  A 4   . ? 3_645 ? 
12 AC2 8  DG  A 5  ? DG  A 5   . ? 3_645 ? 
13 AC2 8  DG  A 9  ? DG  A 9   . ? 1_555 ? 
14 AC2 8  DG  A 10 ? DG  A 10  . ? 1_555 ? 
15 AC2 8  HOH E .  ? HOH A 104 . ? 1_555 ? 
16 AC2 8  DG  B 4  ? DG  B 14  . ? 4_545 ? 
17 AC2 8  DG  B 9  ? DG  B 19  . ? 3_545 ? 
18 AC2 8  DG  B 10 ? DG  B 20  . ? 3_545 ? 
# 
loop_
_pdbx_validate_rmsd_angle.id 
_pdbx_validate_rmsd_angle.PDB_model_num 
_pdbx_validate_rmsd_angle.auth_atom_id_1 
_pdbx_validate_rmsd_angle.auth_asym_id_1 
_pdbx_validate_rmsd_angle.auth_comp_id_1 
_pdbx_validate_rmsd_angle.auth_seq_id_1 
_pdbx_validate_rmsd_angle.PDB_ins_code_1 
_pdbx_validate_rmsd_angle.label_alt_id_1 
_pdbx_validate_rmsd_angle.auth_atom_id_2 
_pdbx_validate_rmsd_angle.auth_asym_id_2 
_pdbx_validate_rmsd_angle.auth_comp_id_2 
_pdbx_validate_rmsd_angle.auth_seq_id_2 
_pdbx_validate_rmsd_angle.PDB_ins_code_2 
_pdbx_validate_rmsd_angle.label_alt_id_2 
_pdbx_validate_rmsd_angle.auth_atom_id_3 
_pdbx_validate_rmsd_angle.auth_asym_id_3 
_pdbx_validate_rmsd_angle.auth_comp_id_3 
_pdbx_validate_rmsd_angle.auth_seq_id_3 
_pdbx_validate_rmsd_angle.PDB_ins_code_3 
_pdbx_validate_rmsd_angle.label_alt_id_3 
_pdbx_validate_rmsd_angle.angle_value 
_pdbx_validate_rmsd_angle.angle_target_value 
_pdbx_validate_rmsd_angle.angle_deviation 
_pdbx_validate_rmsd_angle.angle_standard_deviation 
_pdbx_validate_rmsd_angle.linker_flag 
1  1 "C4'" A DC 1  ? ? "C3'" A DC 1  ? ? "C2'" A DC 1  ? ? 97.57  102.20 -4.63  0.70 N 
2  1 "O4'" A DC 1  ? ? "C1'" A DC 1  ? ? N1    A DC 1  ? ? 113.22 108.30 4.92   0.30 N 
3  1 N1    A DC 1  ? ? C2    A DC 1  ? ? O2    A DC 1  ? ? 123.18 118.90 4.28   0.60 N 
4  1 "O4'" A DC 2  ? ? "C1'" A DC 2  ? ? N1    A DC 2  ? ? 113.84 108.30 5.54   0.30 N 
5  1 "O4'" A DG 4  ? ? "C1'" A DG 4  ? ? N9    A DG 4  ? ? 110.68 108.30 2.38   0.30 N 
6  1 "O4'" A DC 6  ? ? "C1'" A DC 6  ? ? N1    A DC 6  ? ? 114.39 108.30 6.09   0.30 N 
7  1 "C4'" A DC 7  ? ? "C3'" A DC 7  ? ? "C2'" A DC 7  ? ? 97.24  102.20 -4.96  0.70 N 
8  1 "O4'" A DC 7  ? ? "C1'" A DC 7  ? ? N1    A DC 7  ? ? 116.92 108.30 8.62   0.30 N 
9  1 N1    A DC 7  ? ? C2    A DC 7  ? ? O2    A DC 7  ? ? 122.52 118.90 3.62   0.60 N 
10 1 "O4'" A DC 8  ? ? "C1'" A DC 8  ? ? N1    A DC 8  ? ? 113.56 108.30 5.26   0.30 N 
11 1 "C4'" A DG 9  ? ? "C3'" A DG 9  ? ? "C2'" A DG 9  ? ? 97.49  102.20 -4.71  0.70 N 
12 1 "O4'" A DG 9  ? ? "C1'" A DG 9  ? ? N9    A DG 9  ? ? 113.06 108.30 4.76   0.30 N 
13 1 "O4'" A DG 10 ? ? "C1'" A DG 10 ? ? N9    A DG 10 ? ? 110.12 108.30 1.82   0.30 N 
14 1 "C5'" B DC 11 ? ? "C4'" B DC 11 ? ? "C3'" B DC 11 ? ? 103.10 114.10 -11.00 1.80 N 
15 1 "O4'" B DC 11 ? ? "C1'" B DC 11 ? ? N1    B DC 11 ? ? 114.78 108.30 6.48   0.30 N 
16 1 N1    B DC 11 ? ? C2    B DC 11 ? ? O2    B DC 11 ? ? 123.71 118.90 4.81   0.60 N 
17 1 "O4'" B DC 12 ? ? "C1'" B DC 12 ? ? N1    B DC 12 ? ? 116.56 108.30 8.26   0.30 N 
18 1 N1    B DC 12 ? ? C2    B DC 12 ? ? O2    B DC 12 ? ? 122.59 118.90 3.69   0.60 N 
19 1 "C4'" B DG 13 ? ? "C3'" B DG 13 ? ? "C2'" B DG 13 ? ? 97.97  102.20 -4.23  0.70 N 
20 1 "O4'" B DG 13 ? ? "C1'" B DG 13 ? ? N9    B DG 13 ? ? 112.84 108.30 4.54   0.30 N 
21 1 "O4'" B DG 14 ? ? "C1'" B DG 14 ? ? N9    B DG 14 ? ? 113.28 108.30 4.98   0.30 N 
22 1 "O4'" B DG 15 ? ? "C1'" B DG 15 ? ? N9    B DG 15 ? ? 111.79 108.30 3.49   0.30 N 
23 1 "O4'" B DC 16 ? ? "C1'" B DC 16 ? ? N1    B DC 16 ? ? 113.56 108.30 5.26   0.30 N 
24 1 "C4'" B DC 17 ? ? "C3'" B DC 17 ? ? "C2'" B DC 17 ? ? 97.81  102.20 -4.39  0.70 N 
25 1 "O4'" B DC 17 ? ? "C1'" B DC 17 ? ? N1    B DC 17 ? ? 113.08 108.30 4.78   0.30 N 
26 1 "O4'" B DC 18 ? ? "C1'" B DC 18 ? ? N1    B DC 18 ? ? 116.52 108.30 8.22   0.30 N 
27 1 "O4'" B DG 19 ? ? "C1'" B DG 19 ? ? N9    B DG 19 ? ? 112.44 108.30 4.14   0.30 N 
# 
loop_
_pdbx_validate_planes.id 
_pdbx_validate_planes.PDB_model_num 
_pdbx_validate_planes.auth_comp_id 
_pdbx_validate_planes.auth_asym_id 
_pdbx_validate_planes.auth_seq_id 
_pdbx_validate_planes.PDB_ins_code 
_pdbx_validate_planes.label_alt_id 
_pdbx_validate_planes.rmsd 
_pdbx_validate_planes.type 
1 1 DG A 3 ? ? 0.061 'SIDE CHAIN' 
2 1 DG A 4 ? ? 0.078 'SIDE CHAIN' 
# 
loop_
_refine_B_iso.class 
_refine_B_iso.details 
_refine_B_iso.treatment 
_refine_B_iso.pdbx_refine_id 
'ALL ATOMS'  TR isotropic 'X-RAY DIFFRACTION' 
'ALL WATERS' TR isotropic 'X-RAY DIFFRACTION' 
# 
loop_
_refine_occupancy.class 
_refine_occupancy.treatment 
_refine_occupancy.pdbx_refine_id 
'ALL ATOMS'  fix 'X-RAY DIFFRACTION' 
'ALL WATERS' fix 'X-RAY DIFFRACTION' 
# 
loop_
_chem_comp_atom.comp_id 
_chem_comp_atom.atom_id 
_chem_comp_atom.type_symbol 
_chem_comp_atom.pdbx_aromatic_flag 
_chem_comp_atom.pdbx_stereo_config 
_chem_comp_atom.pdbx_ordinal 
DC  OP3    O N N 1   
DC  P      P N N 2   
DC  OP1    O N N 3   
DC  OP2    O N N 4   
DC  "O5'"  O N N 5   
DC  "C5'"  C N N 6   
DC  "C4'"  C N R 7   
DC  "O4'"  O N N 8   
DC  "C3'"  C N S 9   
DC  "O3'"  O N N 10  
DC  "C2'"  C N N 11  
DC  "C1'"  C N R 12  
DC  N1     N N N 13  
DC  C2     C N N 14  
DC  O2     O N N 15  
DC  N3     N N N 16  
DC  C4     C N N 17  
DC  N4     N N N 18  
DC  C5     C N N 19  
DC  C6     C N N 20  
DC  HOP3   H N N 21  
DC  HOP2   H N N 22  
DC  "H5'"  H N N 23  
DC  "H5''" H N N 24  
DC  "H4'"  H N N 25  
DC  "H3'"  H N N 26  
DC  "HO3'" H N N 27  
DC  "H2'"  H N N 28  
DC  "H2''" H N N 29  
DC  "H1'"  H N N 30  
DC  H41    H N N 31  
DC  H42    H N N 32  
DC  H5     H N N 33  
DC  H6     H N N 34  
DG  OP3    O N N 35  
DG  P      P N N 36  
DG  OP1    O N N 37  
DG  OP2    O N N 38  
DG  "O5'"  O N N 39  
DG  "C5'"  C N N 40  
DG  "C4'"  C N R 41  
DG  "O4'"  O N N 42  
DG  "C3'"  C N S 43  
DG  "O3'"  O N N 44  
DG  "C2'"  C N N 45  
DG  "C1'"  C N R 46  
DG  N9     N Y N 47  
DG  C8     C Y N 48  
DG  N7     N Y N 49  
DG  C5     C Y N 50  
DG  C6     C N N 51  
DG  O6     O N N 52  
DG  N1     N N N 53  
DG  C2     C N N 54  
DG  N2     N N N 55  
DG  N3     N N N 56  
DG  C4     C Y N 57  
DG  HOP3   H N N 58  
DG  HOP2   H N N 59  
DG  "H5'"  H N N 60  
DG  "H5''" H N N 61  
DG  "H4'"  H N N 62  
DG  "H3'"  H N N 63  
DG  "HO3'" H N N 64  
DG  "H2'"  H N N 65  
DG  "H2''" H N N 66  
DG  "H1'"  H N N 67  
DG  H8     H N N 68  
DG  H1     H N N 69  
DG  H21    H N N 70  
DG  H22    H N N 71  
HOH O      O N N 72  
HOH H1     H N N 73  
HOH H2     H N N 74  
SPM N1     N N N 75  
SPM C2     C N N 76  
SPM C3     C N N 77  
SPM C4     C N N 78  
SPM N5     N N N 79  
SPM C6     C N N 80  
SPM C7     C N N 81  
SPM C8     C N N 82  
SPM C9     C N N 83  
SPM N10    N N N 84  
SPM C11    C N N 85  
SPM C12    C N N 86  
SPM C13    C N N 87  
SPM N14    N N N 88  
SPM HN11   H N N 89  
SPM HN12   H N N 90  
SPM H21    H N N 91  
SPM H22    H N N 92  
SPM H31    H N N 93  
SPM H32    H N N 94  
SPM H41    H N N 95  
SPM H42    H N N 96  
SPM HN5    H N N 97  
SPM H61    H N N 98  
SPM H62    H N N 99  
SPM H71    H N N 100 
SPM H72    H N N 101 
SPM H81    H N N 102 
SPM H82    H N N 103 
SPM H91    H N N 104 
SPM H92    H N N 105 
SPM HN0    H N N 106 
SPM H111   H N N 107 
SPM H112   H N N 108 
SPM H121   H N N 109 
SPM H122   H N N 110 
SPM H131   H N N 111 
SPM H132   H N N 112 
SPM HN41   H N N 113 
SPM HN42   H N N 114 
# 
loop_
_chem_comp_bond.comp_id 
_chem_comp_bond.atom_id_1 
_chem_comp_bond.atom_id_2 
_chem_comp_bond.value_order 
_chem_comp_bond.pdbx_aromatic_flag 
_chem_comp_bond.pdbx_stereo_config 
_chem_comp_bond.pdbx_ordinal 
DC  OP3   P      sing N N 1   
DC  OP3   HOP3   sing N N 2   
DC  P     OP1    doub N N 3   
DC  P     OP2    sing N N 4   
DC  P     "O5'"  sing N N 5   
DC  OP2   HOP2   sing N N 6   
DC  "O5'" "C5'"  sing N N 7   
DC  "C5'" "C4'"  sing N N 8   
DC  "C5'" "H5'"  sing N N 9   
DC  "C5'" "H5''" sing N N 10  
DC  "C4'" "O4'"  sing N N 11  
DC  "C4'" "C3'"  sing N N 12  
DC  "C4'" "H4'"  sing N N 13  
DC  "O4'" "C1'"  sing N N 14  
DC  "C3'" "O3'"  sing N N 15  
DC  "C3'" "C2'"  sing N N 16  
DC  "C3'" "H3'"  sing N N 17  
DC  "O3'" "HO3'" sing N N 18  
DC  "C2'" "C1'"  sing N N 19  
DC  "C2'" "H2'"  sing N N 20  
DC  "C2'" "H2''" sing N N 21  
DC  "C1'" N1     sing N N 22  
DC  "C1'" "H1'"  sing N N 23  
DC  N1    C2     sing N N 24  
DC  N1    C6     sing N N 25  
DC  C2    O2     doub N N 26  
DC  C2    N3     sing N N 27  
DC  N3    C4     doub N N 28  
DC  C4    N4     sing N N 29  
DC  C4    C5     sing N N 30  
DC  N4    H41    sing N N 31  
DC  N4    H42    sing N N 32  
DC  C5    C6     doub N N 33  
DC  C5    H5     sing N N 34  
DC  C6    H6     sing N N 35  
DG  OP3   P      sing N N 36  
DG  OP3   HOP3   sing N N 37  
DG  P     OP1    doub N N 38  
DG  P     OP2    sing N N 39  
DG  P     "O5'"  sing N N 40  
DG  OP2   HOP2   sing N N 41  
DG  "O5'" "C5'"  sing N N 42  
DG  "C5'" "C4'"  sing N N 43  
DG  "C5'" "H5'"  sing N N 44  
DG  "C5'" "H5''" sing N N 45  
DG  "C4'" "O4'"  sing N N 46  
DG  "C4'" "C3'"  sing N N 47  
DG  "C4'" "H4'"  sing N N 48  
DG  "O4'" "C1'"  sing N N 49  
DG  "C3'" "O3'"  sing N N 50  
DG  "C3'" "C2'"  sing N N 51  
DG  "C3'" "H3'"  sing N N 52  
DG  "O3'" "HO3'" sing N N 53  
DG  "C2'" "C1'"  sing N N 54  
DG  "C2'" "H2'"  sing N N 55  
DG  "C2'" "H2''" sing N N 56  
DG  "C1'" N9     sing N N 57  
DG  "C1'" "H1'"  sing N N 58  
DG  N9    C8     sing Y N 59  
DG  N9    C4     sing Y N 60  
DG  C8    N7     doub Y N 61  
DG  C8    H8     sing N N 62  
DG  N7    C5     sing Y N 63  
DG  C5    C6     sing N N 64  
DG  C5    C4     doub Y N 65  
DG  C6    O6     doub N N 66  
DG  C6    N1     sing N N 67  
DG  N1    C2     sing N N 68  
DG  N1    H1     sing N N 69  
DG  C2    N2     sing N N 70  
DG  C2    N3     doub N N 71  
DG  N2    H21    sing N N 72  
DG  N2    H22    sing N N 73  
DG  N3    C4     sing N N 74  
HOH O     H1     sing N N 75  
HOH O     H2     sing N N 76  
SPM N1    C2     sing N N 77  
SPM N1    HN11   sing N N 78  
SPM N1    HN12   sing N N 79  
SPM C2    C3     sing N N 80  
SPM C2    H21    sing N N 81  
SPM C2    H22    sing N N 82  
SPM C3    C4     sing N N 83  
SPM C3    H31    sing N N 84  
SPM C3    H32    sing N N 85  
SPM C4    N5     sing N N 86  
SPM C4    H41    sing N N 87  
SPM C4    H42    sing N N 88  
SPM N5    C6     sing N N 89  
SPM N5    HN5    sing N N 90  
SPM C6    C7     sing N N 91  
SPM C6    H61    sing N N 92  
SPM C6    H62    sing N N 93  
SPM C7    C8     sing N N 94  
SPM C7    H71    sing N N 95  
SPM C7    H72    sing N N 96  
SPM C8    C9     sing N N 97  
SPM C8    H81    sing N N 98  
SPM C8    H82    sing N N 99  
SPM C9    N10    sing N N 100 
SPM C9    H91    sing N N 101 
SPM C9    H92    sing N N 102 
SPM N10   C11    sing N N 103 
SPM N10   HN0    sing N N 104 
SPM C11   C12    sing N N 105 
SPM C11   H111   sing N N 106 
SPM C11   H112   sing N N 107 
SPM C12   C13    sing N N 108 
SPM C12   H121   sing N N 109 
SPM C12   H122   sing N N 110 
SPM C13   N14    sing N N 111 
SPM C13   H131   sing N N 112 
SPM C13   H132   sing N N 113 
SPM N14   HN41   sing N N 114 
SPM N14   HN42   sing N N 115 
# 
_ndb_struct_conf_na.entry_id   321D 
_ndb_struct_conf_na.feature    'a-form double helix' 
# 
loop_
_ndb_struct_na_base_pair.model_number 
_ndb_struct_na_base_pair.i_label_asym_id 
_ndb_struct_na_base_pair.i_label_comp_id 
_ndb_struct_na_base_pair.i_label_seq_id 
_ndb_struct_na_base_pair.i_symmetry 
_ndb_struct_na_base_pair.j_label_asym_id 
_ndb_struct_na_base_pair.j_label_comp_id 
_ndb_struct_na_base_pair.j_label_seq_id 
_ndb_struct_na_base_pair.j_symmetry 
_ndb_struct_na_base_pair.shear 
_ndb_struct_na_base_pair.stretch 
_ndb_struct_na_base_pair.stagger 
_ndb_struct_na_base_pair.buckle 
_ndb_struct_na_base_pair.propeller 
_ndb_struct_na_base_pair.opening 
_ndb_struct_na_base_pair.pair_number 
_ndb_struct_na_base_pair.pair_name 
_ndb_struct_na_base_pair.i_auth_asym_id 
_ndb_struct_na_base_pair.i_auth_seq_id 
_ndb_struct_na_base_pair.i_PDB_ins_code 
_ndb_struct_na_base_pair.j_auth_asym_id 
_ndb_struct_na_base_pair.j_auth_seq_id 
_ndb_struct_na_base_pair.j_PDB_ins_code 
_ndb_struct_na_base_pair.hbond_type_28 
_ndb_struct_na_base_pair.hbond_type_12 
1 A DC 1  1_555 B DG 10 1_555 0.021  -0.080 0.250  -8.472  0.135   -1.061 1  A_DC1:DG20_B  A 1  ? B 20 ? 19 1 
1 A DC 2  1_555 B DG 9  1_555 0.812  -0.425 0.045  2.776   -4.378  2.522  2  A_DC2:DG19_B  A 2  ? B 19 ? 19 1 
1 A DG 3  1_555 B DC 8  1_555 -0.527 -0.231 -0.065 -1.519  -12.552 -1.428 3  A_DG3:DC18_B  A 3  ? B 18 ? 19 1 
1 A DG 4  1_555 B DC 7  1_555 -0.339 -0.221 -0.312 -10.891 -11.230 -3.352 4  A_DG4:DC17_B  A 4  ? B 17 ? 19 1 
1 A DG 5  1_555 B DC 6  1_555 -0.182 -0.029 -0.053 -1.033  -10.827 0.832  5  A_DG5:DC16_B  A 5  ? B 16 ? 19 1 
1 A DC 6  1_555 B DG 5  1_555 0.254  -0.354 -0.323 2.348   -11.586 -4.569 6  A_DC6:DG15_B  A 6  ? B 15 ? 19 1 
1 A DC 7  1_555 B DG 4  1_555 0.140  -0.272 0.063  -5.454  -10.485 -0.771 7  A_DC7:DG14_B  A 7  ? B 14 ? 19 1 
1 A DC 8  1_555 B DG 3  1_555 0.301  -0.221 0.104  -1.481  -11.767 -0.347 8  A_DC8:DG13_B  A 8  ? B 13 ? 19 1 
1 A DG 9  1_555 B DC 2  1_555 -0.383 -0.308 0.136  -4.696  -12.488 -4.043 9  A_DG9:DC12_B  A 9  ? B 12 ? 19 1 
1 A DG 10 1_555 B DC 1  1_555 0.436  -0.144 0.346  4.759   -0.791  -5.226 10 A_DG10:DC11_B A 10 ? B 11 ? 19 1 
# 
loop_
_ndb_struct_na_base_pair_step.model_number 
_ndb_struct_na_base_pair_step.i_label_asym_id_1 
_ndb_struct_na_base_pair_step.i_label_comp_id_1 
_ndb_struct_na_base_pair_step.i_label_seq_id_1 
_ndb_struct_na_base_pair_step.i_symmetry_1 
_ndb_struct_na_base_pair_step.j_label_asym_id_1 
_ndb_struct_na_base_pair_step.j_label_comp_id_1 
_ndb_struct_na_base_pair_step.j_label_seq_id_1 
_ndb_struct_na_base_pair_step.j_symmetry_1 
_ndb_struct_na_base_pair_step.i_label_asym_id_2 
_ndb_struct_na_base_pair_step.i_label_comp_id_2 
_ndb_struct_na_base_pair_step.i_label_seq_id_2 
_ndb_struct_na_base_pair_step.i_symmetry_2 
_ndb_struct_na_base_pair_step.j_label_asym_id_2 
_ndb_struct_na_base_pair_step.j_label_comp_id_2 
_ndb_struct_na_base_pair_step.j_label_seq_id_2 
_ndb_struct_na_base_pair_step.j_symmetry_2 
_ndb_struct_na_base_pair_step.shift 
_ndb_struct_na_base_pair_step.slide 
_ndb_struct_na_base_pair_step.rise 
_ndb_struct_na_base_pair_step.tilt 
_ndb_struct_na_base_pair_step.roll 
_ndb_struct_na_base_pair_step.twist 
_ndb_struct_na_base_pair_step.x_displacement 
_ndb_struct_na_base_pair_step.y_displacement 
_ndb_struct_na_base_pair_step.helical_rise 
_ndb_struct_na_base_pair_step.inclination 
_ndb_struct_na_base_pair_step.tip 
_ndb_struct_na_base_pair_step.helical_twist 
_ndb_struct_na_base_pair_step.step_number 
_ndb_struct_na_base_pair_step.step_name 
_ndb_struct_na_base_pair_step.i_auth_asym_id_1 
_ndb_struct_na_base_pair_step.i_auth_seq_id_1 
_ndb_struct_na_base_pair_step.i_PDB_ins_code_1 
_ndb_struct_na_base_pair_step.j_auth_asym_id_1 
_ndb_struct_na_base_pair_step.j_auth_seq_id_1 
_ndb_struct_na_base_pair_step.j_PDB_ins_code_1 
_ndb_struct_na_base_pair_step.i_auth_asym_id_2 
_ndb_struct_na_base_pair_step.i_auth_seq_id_2 
_ndb_struct_na_base_pair_step.i_PDB_ins_code_2 
_ndb_struct_na_base_pair_step.j_auth_asym_id_2 
_ndb_struct_na_base_pair_step.j_auth_seq_id_2 
_ndb_struct_na_base_pair_step.j_PDB_ins_code_2 
1 A DC 1 1_555 B DG 10 1_555 A DC 2  1_555 B DG 9 1_555 0.384  -1.811 3.149 -0.295 -3.445 35.541 -2.462 -0.668 3.301 -5.628  0.482 
35.703 1 AA_DC1DC2:DG19DG20_BB  A 1 ? B 20 ? A 2  ? B 19 ? 
1 A DC 2 1_555 B DG 9  1_555 A DG 3  1_555 B DC 8 1_555 -0.654 -1.994 3.576 -2.357 -0.073 25.305 -4.509 0.739  3.626 -0.165  5.366 
25.413 2 AA_DC2DG3:DC18DG19_BB  A 2 ? B 19 ? A 3  ? B 18 ? 
1 A DG 3 1_555 B DC 8  1_555 A DG 4  1_555 B DC 7 1_555 -1.316 -1.107 3.450 -4.405 8.397  38.740 -2.638 1.399  3.274 12.433  6.522 
39.841 3 AA_DG3DG4:DC17DC18_BB  A 3 ? B 18 ? A 4  ? B 17 ? 
1 A DG 4 1_555 B DC 7  1_555 A DG 5  1_555 B DC 6 1_555 1.174  -1.613 3.047 2.983  10.933 25.379 -5.612 -1.833 2.290 23.451  
-6.399 27.756 4 AA_DG4DG5:DC16DC17_BB  A 4 ? B 17 ? A 5  ? B 16 ? 
1 A DG 5 1_555 B DC 6  1_555 A DC 6  1_555 B DG 5 1_555 -0.715 -0.968 3.277 1.241  14.654 33.892 -3.405 1.289  2.624 23.795  
-2.015 36.859 5 AA_DG5DC6:DG15DC16_BB  A 5 ? B 16 ? A 6  ? B 15 ? 
1 A DC 6 1_555 B DG 5  1_555 A DC 7  1_555 B DG 4 1_555 1.625  -1.365 3.434 3.961  9.896  32.363 -3.943 -2.133 3.068 17.183  
-6.878 34.029 6 AA_DC6DC7:DG14DG15_BB  A 6 ? B 15 ? A 7  ? B 14 ? 
1 A DC 7 1_555 B DG 4  1_555 A DC 8  1_555 B DG 3 1_555 0.394  -1.721 3.186 0.381  7.551  31.304 -4.338 -0.649 2.712 13.744  
-0.693 32.182 7 AA_DC7DC8:DG13DG14_BB  A 7 ? B 14 ? A 8  ? B 13 ? 
1 A DC 8 1_555 B DG 3  1_555 A DG 9  1_555 B DC 2 1_555 -0.467 -2.021 3.281 0.403  8.311  26.518 -6.032 1.062  2.535 17.575  
-0.852 27.770 8 AA_DC8DG9:DC12DG13_BB  A 8 ? B 13 ? A 9  ? B 12 ? 
1 A DG 9 1_555 B DC 2  1_555 A DG 10 1_555 B DC 1 1_555 -0.092 -2.066 3.276 0.096  -6.127 33.032 -2.514 0.175  3.590 -10.662 
-0.167 33.580 9 AA_DG9DG10:DC11DC12_BB A 9 ? B 12 ? A 10 ? B 11 ? 
# 
_atom_sites.entry_id                    321D 
_atom_sites.fract_transf_matrix[1][1]   -0.03661333 
_atom_sites.fract_transf_matrix[1][2]   0.00324866 
_atom_sites.fract_transf_matrix[1][3]   0.02057322 
_atom_sites.fract_transf_matrix[2][1]   0.00597577 
_atom_sites.fract_transf_matrix[2][2]   0.02263944 
_atom_sites.fract_transf_matrix[2][3]   0.00705989 
_atom_sites.fract_transf_matrix[3][1]   -0.00985941 
_atom_sites.fract_transf_matrix[3][2]   0.00849228 
_atom_sites.fract_transf_matrix[3][3]   -0.01888738 
_atom_sites.fract_transf_vector[1]      0.156953 
_atom_sites.fract_transf_vector[2]      -0.063466 
_atom_sites.fract_transf_vector[3]      0.240363 
# 
loop_
_atom_type.symbol 
C 
N 
O 
P 
# 
loop_
_atom_site.group_PDB 
_atom_site.id 
_atom_site.type_symbol 
_atom_site.label_atom_id 
_atom_site.label_alt_id 
_atom_site.label_comp_id 
_atom_site.label_asym_id 
_atom_site.label_entity_id 
_atom_site.label_seq_id 
_atom_site.pdbx_PDB_ins_code 
_atom_site.Cartn_x 
_atom_site.Cartn_y 
_atom_site.Cartn_z 
_atom_site.occupancy 
_atom_site.B_iso_or_equiv 
_atom_site.pdbx_formal_charge 
_atom_site.auth_seq_id 
_atom_site.auth_comp_id 
_atom_site.auth_asym_id 
_atom_site.auth_atom_id 
_atom_site.pdbx_PDB_model_num 
ATOM   1   O "O5'" . DC  A 1 1  ? 13.315  3.662   2.412   1.00 16.58 ? 1   DC  A "O5'" 1 
ATOM   2   C "C5'" . DC  A 1 1  ? 12.980  4.319   3.643   1.00 23.85 ? 1   DC  A "C5'" 1 
ATOM   3   C "C4'" . DC  A 1 1  ? 12.297  5.685   3.518   1.00 23.75 ? 1   DC  A "C4'" 1 
ATOM   4   O "O4'" . DC  A 1 1  ? 13.018  6.455   2.534   1.00 22.28 ? 1   DC  A "O4'" 1 
ATOM   5   C "C3'" . DC  A 1 1  ? 10.855  5.685   3.022   1.00 23.64 ? 1   DC  A "C3'" 1 
ATOM   6   O "O3'" . DC  A 1 1  ? 9.992   5.512   4.150   1.00 29.05 ? 1   DC  A "O3'" 1 
ATOM   7   C "C2'" . DC  A 1 1  ? 10.780  7.131   2.631   1.00 23.87 ? 1   DC  A "C2'" 1 
ATOM   8   C "C1'" . DC  A 1 1  ? 12.057  7.234   1.789   1.00 22.96 ? 1   DC  A "C1'" 1 
ATOM   9   N N1    . DC  A 1 1  ? 11.892  6.769   0.361   1.00 19.26 ? 1   DC  A N1    1 
ATOM   10  C C2    . DC  A 1 1  ? 11.011  7.462   -0.485  1.00 19.04 ? 1   DC  A C2    1 
ATOM   11  O O2    . DC  A 1 1  ? 10.327  8.410   -0.111  1.00 14.25 ? 1   DC  A O2    1 
ATOM   12  N N3    . DC  A 1 1  ? 10.921  7.059   -1.778  1.00 17.15 ? 1   DC  A N3    1 
ATOM   13  C C4    . DC  A 1 1  ? 11.626  6.038   -2.255  1.00 21.85 ? 1   DC  A C4    1 
ATOM   14  N N4    . DC  A 1 1  ? 11.480  5.709   -3.536  1.00 22.07 ? 1   DC  A N4    1 
ATOM   15  C C5    . DC  A 1 1  ? 12.526  5.309   -1.422  1.00 21.40 ? 1   DC  A C5    1 
ATOM   16  C C6    . DC  A 1 1  ? 12.625  5.707   -0.141  1.00 20.75 ? 1   DC  A C6    1 
ATOM   17  P P     . DC  A 1 2  ? 8.514   4.873   3.989   1.00 29.67 ? 2   DC  A P     1 
ATOM   18  O OP1   . DC  A 1 2  ? 7.904   4.823   5.343   1.00 32.43 ? 2   DC  A OP1   1 
ATOM   19  O OP2   . DC  A 1 2  ? 8.624   3.645   3.190   1.00 31.32 ? 2   DC  A OP2   1 
ATOM   20  O "O5'" . DC  A 1 2  ? 7.686   5.964   3.152   1.00 28.96 ? 2   DC  A "O5'" 1 
ATOM   21  C "C5'" . DC  A 1 2  ? 7.247   7.172   3.785   1.00 25.17 ? 2   DC  A "C5'" 1 
ATOM   22  C "C4'" . DC  A 1 2  ? 6.760   8.128   2.741   1.00 26.18 ? 2   DC  A "C4'" 1 
ATOM   23  O "O4'" . DC  A 1 2  ? 7.691   8.224   1.658   1.00 24.28 ? 2   DC  A "O4'" 1 
ATOM   24  C "C3'" . DC  A 1 2  ? 5.515   7.572   2.149   1.00 25.01 ? 2   DC  A "C3'" 1 
ATOM   25  O "O3'" . DC  A 1 2  ? 4.485   8.018   3.004   1.00 28.95 ? 2   DC  A "O3'" 1 
ATOM   26  C "C2'" . DC  A 1 2  ? 5.463   8.361   0.885   1.00 25.44 ? 2   DC  A "C2'" 1 
ATOM   27  C "C1'" . DC  A 1 2  ? 6.923   8.238   0.440   1.00 25.63 ? 2   DC  A "C1'" 1 
ATOM   28  N N1    . DC  A 1 2  ? 7.218   7.078   -0.481  1.00 20.88 ? 2   DC  A N1    1 
ATOM   29  C C2    . DC  A 1 2  ? 6.815   7.168   -1.813  1.00 18.37 ? 2   DC  A C2    1 
ATOM   30  O O2    . DC  A 1 2  ? 6.093   8.075   -2.213  1.00 16.74 ? 2   DC  A O2    1 
ATOM   31  N N3    . DC  A 1 2  ? 7.200   6.204   -2.681  1.00 19.48 ? 2   DC  A N3    1 
ATOM   32  C C4    . DC  A 1 2  ? 7.948   5.175   -2.297  1.00 21.33 ? 2   DC  A C4    1 
ATOM   33  N N4    . DC  A 1 2  ? 8.353   4.298   -3.210  1.00 23.79 ? 2   DC  A N4    1 
ATOM   34  C C5    . DC  A 1 2  ? 8.359   5.041   -0.938  1.00 23.05 ? 2   DC  A C5    1 
ATOM   35  C C6    . DC  A 1 2  ? 7.972   6.006   -0.077  1.00 23.78 ? 2   DC  A C6    1 
ATOM   36  P P     . DG  A 1 3  ? 3.020   7.403   2.919   1.00 26.26 ? 3   DG  A P     1 
ATOM   37  O OP1   . DG  A 1 3  ? 2.438   7.459   4.280   1.00 30.86 ? 3   DG  A OP1   1 
ATOM   38  O OP2   . DG  A 1 3  ? 3.072   6.129   2.165   1.00 30.52 ? 3   DG  A OP2   1 
ATOM   39  O "O5'" . DG  A 1 3  ? 2.292   8.496   2.026   1.00 27.24 ? 3   DG  A "O5'" 1 
ATOM   40  C "C5'" . DG  A 1 3  ? 1.187   8.146   1.217   1.00 23.10 ? 3   DG  A "C5'" 1 
ATOM   41  C "C4'" . DG  A 1 3  ? 1.172   9.100   0.065   1.00 22.41 ? 3   DG  A "C4'" 1 
ATOM   42  O "O4'" . DG  A 1 3  ? 2.446   8.914   -0.554  1.00 19.20 ? 3   DG  A "O4'" 1 
ATOM   43  C "C3'" . DG  A 1 3  ? 0.135   8.760   -0.985  1.00 20.84 ? 3   DG  A "C3'" 1 
ATOM   44  O "O3'" . DG  A 1 3  ? -0.977  9.636   -0.735  1.00 18.95 ? 3   DG  A "O3'" 1 
ATOM   45  C "C2'" . DG  A 1 3  ? 0.846   9.240   -2.235  1.00 17.50 ? 3   DG  A "C2'" 1 
ATOM   46  C "C1'" . DG  A 1 3  ? 2.265   8.737   -1.951  1.00 16.85 ? 3   DG  A "C1'" 1 
ATOM   47  N N9    . DG  A 1 3  ? 2.641   7.341   -2.324  1.00 13.29 ? 3   DG  A N9    1 
ATOM   48  C C8    . DG  A 1 3  ? 3.340   6.445   -1.559  1.00 10.50 ? 3   DG  A C8    1 
ATOM   49  N N7    . DG  A 1 3  ? 3.692   5.357   -2.169  1.00 9.60  ? 3   DG  A N7    1 
ATOM   50  C C5    . DG  A 1 3  ? 3.182   5.521   -3.450  1.00 9.81  ? 3   DG  A C5    1 
ATOM   51  C C6    . DG  A 1 3  ? 3.344   4.688   -4.601  1.00 8.13  ? 3   DG  A C6    1 
ATOM   52  O O6    . DG  A 1 3  ? 3.904   3.611   -4.678  1.00 6.20  ? 3   DG  A O6    1 
ATOM   53  N N1    . DG  A 1 3  ? 2.780   5.257   -5.739  1.00 4.55  ? 3   DG  A N1    1 
ATOM   54  C C2    . DG  A 1 3  ? 2.119   6.478   -5.764  1.00 4.25  ? 3   DG  A C2    1 
ATOM   55  N N2    . DG  A 1 3  ? 1.619   6.857   -6.931  1.00 2.00  ? 3   DG  A N2    1 
ATOM   56  N N3    . DG  A 1 3  ? 1.970   7.243   -4.675  1.00 7.29  ? 3   DG  A N3    1 
ATOM   57  C C4    . DG  A 1 3  ? 2.525   6.722   -3.554  1.00 11.83 ? 3   DG  A C4    1 
ATOM   58  P P     . DG  A 1 4  ? -2.472  9.042   -0.797  1.00 19.06 ? 4   DG  A P     1 
ATOM   59  O OP1   . DG  A 1 4  ? -3.438  10.061  -0.335  1.00 21.36 ? 4   DG  A OP1   1 
ATOM   60  O OP2   . DG  A 1 4  ? -2.461  7.703   -0.162  1.00 17.83 ? 4   DG  A OP2   1 
ATOM   61  O "O5'" . DG  A 1 4  ? -2.676  8.867   -2.371  1.00 18.48 ? 4   DG  A "O5'" 1 
ATOM   62  C "C5'" . DG  A 1 4  ? -3.233  9.929   -3.159  1.00 16.94 ? 4   DG  A "C5'" 1 
ATOM   63  C "C4'" . DG  A 1 4  ? -3.578  9.379   -4.525  1.00 16.83 ? 4   DG  A "C4'" 1 
ATOM   64  O "O4'" . DG  A 1 4  ? -2.365  8.927   -5.149  1.00 17.85 ? 4   DG  A "O4'" 1 
ATOM   65  C "C3'" . DG  A 1 4  ? -4.453  8.140   -4.427  1.00 20.62 ? 4   DG  A "C3'" 1 
ATOM   66  O "O3'" . DG  A 1 4  ? -5.826  8.596   -4.369  1.00 21.90 ? 4   DG  A "O3'" 1 
ATOM   67  C "C2'" . DG  A 1 4  ? -4.175  7.544   -5.796  1.00 17.77 ? 4   DG  A "C2'" 1 
ATOM   68  C "C1'" . DG  A 1 4  ? -2.644  7.714   -5.870  1.00 17.28 ? 4   DG  A "C1'" 1 
ATOM   69  N N9    . DG  A 1 4  ? -1.861  6.578   -5.309  1.00 17.48 ? 4   DG  A N9    1 
ATOM   70  C C8    . DG  A 1 4  ? -1.175  6.519   -4.114  1.00 14.61 ? 4   DG  A C8    1 
ATOM   71  N N7    . DG  A 1 4  ? -0.544  5.411   -3.911  1.00 12.57 ? 4   DG  A N7    1 
ATOM   72  C C5    . DG  A 1 4  ? -0.818  4.658   -5.044  1.00 7.93  ? 4   DG  A C5    1 
ATOM   73  C C6    . DG  A 1 4  ? -0.205  3.453   -5.478  1.00 6.67  ? 4   DG  A C6    1 
ATOM   74  O O6    . DG  A 1 4  ? 0.521   2.703   -4.820  1.00 2.00  ? 4   DG  A O6    1 
ATOM   75  N N1    . DG  A 1 4  ? -0.523  3.148   -6.782  1.00 8.01  ? 4   DG  A N1    1 
ATOM   76  C C2    . DG  A 1 4  ? -1.349  3.894   -7.601  1.00 13.24 ? 4   DG  A C2    1 
ATOM   77  N N2    . DG  A 1 4  ? -1.555  3.435   -8.844  1.00 8.97  ? 4   DG  A N2    1 
ATOM   78  N N3    . DG  A 1 4  ? -1.935  5.027   -7.195  1.00 14.34 ? 4   DG  A N3    1 
ATOM   79  C C4    . DG  A 1 4  ? -1.622  5.354   -5.910  1.00 14.53 ? 4   DG  A C4    1 
ATOM   80  P P     . DG  A 1 5  ? -6.969  7.714   -3.625  1.00 21.96 ? 5   DG  A P     1 
ATOM   81  O OP1   . DG  A 1 5  ? -8.271  8.416   -3.689  1.00 22.12 ? 5   DG  A OP1   1 
ATOM   82  O OP2   . DG  A 1 5  ? -6.455  7.297   -2.305  1.00 22.41 ? 5   DG  A OP2   1 
ATOM   83  O "O5'" . DG  A 1 5  ? -7.046  6.429   -4.578  1.00 25.46 ? 5   DG  A "O5'" 1 
ATOM   84  C "C5'" . DG  A 1 5  ? -7.097  5.096   -4.097  1.00 26.56 ? 5   DG  A "C5'" 1 
ATOM   85  C "C4'" . DG  A 1 5  ? -6.877  4.106   -5.214  1.00 20.95 ? 5   DG  A "C4'" 1 
ATOM   86  O "O4'" . DG  A 1 5  ? -5.493  4.203   -5.569  1.00 17.61 ? 5   DG  A "O4'" 1 
ATOM   87  C "C3'" . DG  A 1 5  ? -7.081  2.649   -4.820  1.00 20.40 ? 5   DG  A "C3'" 1 
ATOM   88  O "O3'" . DG  A 1 5  ? -8.478  2.368   -4.975  1.00 21.30 ? 5   DG  A "O3'" 1 
ATOM   89  C "C2'" . DG  A 1 5  ? -6.316  2.008   -5.962  1.00 16.54 ? 5   DG  A "C2'" 1 
ATOM   90  C "C1'" . DG  A 1 5  ? -5.043  2.887   -5.910  1.00 14.26 ? 5   DG  A "C1'" 1 
ATOM   91  N N9    . DG  A 1 5  ? -4.066  2.465   -4.895  1.00 9.84  ? 5   DG  A N9    1 
ATOM   92  C C8    . DG  A 1 5  ? -3.709  3.030   -3.676  1.00 9.06  ? 5   DG  A C8    1 
ATOM   93  N N7    . DG  A 1 5  ? -2.729  2.420   -3.091  1.00 10.62 ? 5   DG  A N7    1 
ATOM   94  C C5    . DG  A 1 5  ? -2.399  1.389   -3.975  1.00 8.14  ? 5   DG  A C5    1 
ATOM   95  C C6    . DG  A 1 5  ? -1.360  0.431   -3.913  1.00 8.07  ? 5   DG  A C6    1 
ATOM   96  O O6    . DG  A 1 5  ? -0.467  0.313   -3.089  1.00 3.88  ? 5   DG  A O6    1 
ATOM   97  N N1    . DG  A 1 5  ? -1.358  -0.412  -5.032  1.00 5.75  ? 5   DG  A N1    1 
ATOM   98  C C2    . DG  A 1 5  ? -2.239  -0.334  -6.089  1.00 10.66 ? 5   DG  A C2    1 
ATOM   99  N N2    . DG  A 1 5  ? -2.145  -1.293  -7.006  1.00 13.61 ? 5   DG  A N2    1 
ATOM   100 N N3    . DG  A 1 5  ? -3.199  0.601   -6.157  1.00 13.17 ? 5   DG  A N3    1 
ATOM   101 C C4    . DG  A 1 5  ? -3.221  1.412   -5.076  1.00 9.69  ? 5   DG  A C4    1 
ATOM   102 P P     . DC  A 1 6  ? -9.303  1.455   -3.906  1.00 19.98 ? 6   DC  A P     1 
ATOM   103 O OP1   . DC  A 1 6  ? -10.758 1.646   -4.144  1.00 17.90 ? 6   DC  A OP1   1 
ATOM   104 O OP2   . DC  A 1 6  ? -8.768  1.657   -2.552  1.00 14.98 ? 6   DC  A OP2   1 
ATOM   105 O "O5'" . DC  A 1 6  ? -8.914  -0.031  -4.381  1.00 19.73 ? 6   DC  A "O5'" 1 
ATOM   106 C "C5'" . DC  A 1 6  ? -9.562  -0.628  -5.512  1.00 20.33 ? 6   DC  A "C5'" 1 
ATOM   107 C "C4'" . DC  A 1 6  ? -8.983  -1.984  -5.855  1.00 22.82 ? 6   DC  A "C4'" 1 
ATOM   108 O "O4'" . DC  A 1 6  ? -7.610  -1.755  -6.228  1.00 20.03 ? 6   DC  A "O4'" 1 
ATOM   109 C "C3'" . DC  A 1 6  ? -8.900  -2.890  -4.637  1.00 20.51 ? 6   DC  A "C3'" 1 
ATOM   110 O "O3'" . DC  A 1 6  ? -10.106 -3.642  -4.560  1.00 21.39 ? 6   DC  A "O3'" 1 
ATOM   111 C "C2'" . DC  A 1 6  ? -7.783  -3.802  -5.096  1.00 16.87 ? 6   DC  A "C2'" 1 
ATOM   112 C "C1'" . DC  A 1 6  ? -6.794  -2.768  -5.639  1.00 18.77 ? 6   DC  A "C1'" 1 
ATOM   113 N N1    . DC  A 1 6  ? -5.807  -2.259  -4.628  1.00 17.90 ? 6   DC  A N1    1 
ATOM   114 C C2    . DC  A 1 6  ? -4.659  -3.022  -4.490  1.00 19.00 ? 6   DC  A C2    1 
ATOM   115 O O2    . DC  A 1 6  ? -4.436  -3.984  -5.216  1.00 23.84 ? 6   DC  A O2    1 
ATOM   116 N N3    . DC  A 1 6  ? -3.762  -2.642  -3.551  1.00 19.01 ? 6   DC  A N3    1 
ATOM   117 C C4    . DC  A 1 6  ? -3.956  -1.570  -2.776  1.00 13.95 ? 6   DC  A C4    1 
ATOM   118 N N4    . DC  A 1 6  ? -3.053  -1.291  -1.848  1.00 11.84 ? 6   DC  A N4    1 
ATOM   119 C C5    . DC  A 1 6  ? -5.117  -0.759  -2.908  1.00 13.42 ? 6   DC  A C5    1 
ATOM   120 C C6    . DC  A 1 6  ? -6.010  -1.139  -3.841  1.00 16.03 ? 6   DC  A C6    1 
ATOM   121 P P     . DC  A 1 7  ? -10.726 -3.998  -3.108  1.00 32.24 ? 7   DC  A P     1 
ATOM   122 O OP1   . DC  A 1 7  ? -12.021 -4.670  -3.341  1.00 29.18 ? 7   DC  A OP1   1 
ATOM   123 O OP2   . DC  A 1 7  ? -10.656 -2.819  -2.213  1.00 26.78 ? 7   DC  A OP2   1 
ATOM   124 O "O5'" . DC  A 1 7  ? -9.676  -5.054  -2.520  1.00 22.82 ? 7   DC  A "O5'" 1 
ATOM   125 C "C5'" . DC  A 1 7  ? -9.614  -6.380  -3.021  1.00 19.07 ? 7   DC  A "C5'" 1 
ATOM   126 C "C4'" . DC  A 1 7  ? -8.298  -7.009  -2.655  1.00 14.00 ? 7   DC  A "C4'" 1 
ATOM   127 O "O4'" . DC  A 1 7  ? -7.232  -6.137  -3.057  1.00 13.59 ? 7   DC  A "O4'" 1 
ATOM   128 C "C3'" . DC  A 1 7  ? -8.097  -7.154  -1.182  1.00 13.00 ? 7   DC  A "C3'" 1 
ATOM   129 O "O3'" . DC  A 1 7  ? -8.810  -8.307  -0.762  1.00 12.63 ? 7   DC  A "O3'" 1 
ATOM   130 C "C2'" . DC  A 1 7  ? -6.638  -7.482  -1.222  1.00 10.87 ? 7   DC  A "C2'" 1 
ATOM   131 C "C1'" . DC  A 1 7  ? -6.147  -6.344  -2.142  1.00 12.29 ? 7   DC  A "C1'" 1 
ATOM   132 N N1    . DC  A 1 7  ? -5.699  -5.161  -1.345  1.00 13.90 ? 7   DC  A N1    1 
ATOM   133 C C2    . DC  A 1 7  ? -4.450  -5.269  -0.744  1.00 15.80 ? 7   DC  A C2    1 
ATOM   134 O O2    . DC  A 1 7  ? -3.739  -6.262  -0.874  1.00 14.66 ? 7   DC  A O2    1 
ATOM   135 N N3    . DC  A 1 7  ? -4.035  -4.242  0.038   1.00 16.88 ? 7   DC  A N3    1 
ATOM   136 C C4    . DC  A 1 7  ? -4.781  -3.158  0.236   1.00 19.18 ? 7   DC  A C4    1 
ATOM   137 N N4    . DC  A 1 7  ? -4.319  -2.225  1.060   1.00 24.13 ? 7   DC  A N4    1 
ATOM   138 C C5    . DC  A 1 7  ? -6.067  -3.017  -0.375  1.00 18.98 ? 7   DC  A C5    1 
ATOM   139 C C6    . DC  A 1 7  ? -6.480  -4.044  -1.157  1.00 15.78 ? 7   DC  A C6    1 
ATOM   140 P P     . DC  A 1 8  ? -9.337  -8.414  0.771   1.00 5.79  ? 8   DC  A P     1 
ATOM   141 O OP1   . DC  A 1 8  ? -10.326 -9.510  0.842   1.00 11.78 ? 8   DC  A OP1   1 
ATOM   142 O OP2   . DC  A 1 8  ? -9.680  -7.058  1.268   1.00 10.06 ? 8   DC  A OP2   1 
ATOM   143 O "O5'" . DC  A 1 8  ? -8.015  -8.861  1.560   1.00 13.46 ? 8   DC  A "O5'" 1 
ATOM   144 C "C5'" . DC  A 1 8  ? -7.464  -10.155 1.381   1.00 15.13 ? 8   DC  A "C5'" 1 
ATOM   145 C "C4'" . DC  A 1 8  ? -6.084  -10.170 1.972   1.00 14.55 ? 8   DC  A "C4'" 1 
ATOM   146 O "O4'" . DC  A 1 8  ? -5.311  -9.131  1.342   1.00 16.85 ? 8   DC  A "O4'" 1 
ATOM   147 C "C3'" . DC  A 1 8  ? -5.969  -9.904  3.435   1.00 15.55 ? 8   DC  A "C3'" 1 
ATOM   148 O "O3'" . DC  A 1 8  ? -6.236  -11.134 4.100   1.00 20.00 ? 8   DC  A "O3'" 1 
ATOM   149 C "C2'" . DC  A 1 8  ? -4.481  -9.638  3.492   1.00 13.39 ? 8   DC  A "C2'" 1 
ATOM   150 C "C1'" . DC  A 1 8  ? -4.352  -8.650  2.301   1.00 16.86 ? 8   DC  A "C1'" 1 
ATOM   151 N N1    . DC  A 1 8  ? -4.540  -7.197  2.667   1.00 18.84 ? 8   DC  A N1    1 
ATOM   152 C C2    . DC  A 1 8  ? -3.505  -6.579  3.366   1.00 18.38 ? 8   DC  A C2    1 
ATOM   153 O O2    . DC  A 1 8  ? -2.443  -7.157  3.579   1.00 19.50 ? 8   DC  A O2    1 
ATOM   154 N N3    . DC  A 1 8  ? -3.683  -5.284  3.755   1.00 19.17 ? 8   DC  A N3    1 
ATOM   155 C C4    . DC  A 1 8  ? -4.810  -4.601  3.489   1.00 18.43 ? 8   DC  A C4    1 
ATOM   156 N N4    . DC  A 1 8  ? -4.967  -3.345  3.919   1.00 14.96 ? 8   DC  A N4    1 
ATOM   157 C C5    . DC  A 1 8  ? -5.872  -5.217  2.765   1.00 17.73 ? 8   DC  A C5    1 
ATOM   158 C C6    . DC  A 1 8  ? -5.695  -6.497  2.382   1.00 18.98 ? 8   DC  A C6    1 
ATOM   159 P P     . DG  A 1 9  ? -6.904  -11.073 5.565   1.00 17.26 ? 9   DG  A P     1 
ATOM   160 O OP1   . DG  A 1 9  ? -7.514  -12.381 5.856   1.00 19.68 ? 9   DG  A OP1   1 
ATOM   161 O OP2   . DG  A 1 9  ? -7.760  -9.862  5.631   1.00 22.93 ? 9   DG  A OP2   1 
ATOM   162 O "O5'" . DG  A 1 9  ? -5.626  -10.819 6.528   1.00 19.19 ? 9   DG  A "O5'" 1 
ATOM   163 C "C5'" . DG  A 1 9  ? -4.573  -11.758 6.773   1.00 21.31 ? 9   DG  A "C5'" 1 
ATOM   164 C "C4'" . DG  A 1 9  ? -3.387  -11.076 7.458   1.00 17.07 ? 9   DG  A "C4'" 1 
ATOM   165 O "O4'" . DG  A 1 9  ? -2.913  -10.016 6.619   1.00 17.09 ? 9   DG  A "O4'" 1 
ATOM   166 C "C3'" . DG  A 1 9  ? -3.730  -10.350 8.724   1.00 17.31 ? 9   DG  A "C3'" 1 
ATOM   167 O "O3'" . DG  A 1 9  ? -3.864  -11.294 9.771   1.00 16.30 ? 9   DG  A "O3'" 1 
ATOM   168 C "C2'" . DG  A 1 9  ? -2.427  -9.609  8.884   1.00 16.66 ? 9   DG  A "C2'" 1 
ATOM   169 C "C1'" . DG  A 1 9  ? -2.331  -9.014  7.488   1.00 16.69 ? 9   DG  A "C1'" 1 
ATOM   170 N N9    . DG  A 1 9  ? -3.044  -7.709  7.433   1.00 14.83 ? 9   DG  A N9    1 
ATOM   171 C C8    . DG  A 1 9  ? -4.238  -7.376  6.831   1.00 15.02 ? 9   DG  A C8    1 
ATOM   172 N N7    . DG  A 1 9  ? -4.579  -6.129  6.973   1.00 15.17 ? 9   DG  A N7    1 
ATOM   173 C C5    . DG  A 1 9  ? -3.541  -5.585  7.720   1.00 17.72 ? 9   DG  A C5    1 
ATOM   174 C C6    . DG  A 1 9  ? -3.326  -4.241  8.153   1.00 17.16 ? 9   DG  A C6    1 
ATOM   175 O O6    . DG  A 1 9  ? -4.040  -3.264  7.956   1.00 20.65 ? 9   DG  A O6    1 
ATOM   176 N N1    . DG  A 1 9  ? -2.128  -4.106  8.843   1.00 14.77 ? 9   DG  A N1    1 
ATOM   177 C C2    . DG  A 1 9  ? -1.228  -5.133  9.093   1.00 12.27 ? 9   DG  A C2    1 
ATOM   178 N N2    . DG  A 1 9  ? -0.125  -4.830  9.793   1.00 7.54  ? 9   DG  A N2    1 
ATOM   179 N N3    . DG  A 1 9  ? -1.438  -6.384  8.689   1.00 10.83 ? 9   DG  A N3    1 
ATOM   180 C C4    . DG  A 1 9  ? -2.604  -6.540  8.014   1.00 16.30 ? 9   DG  A C4    1 
ATOM   181 P P     . DG  A 1 10 ? -4.784  -10.879 11.052  1.00 10.34 ? 10  DG  A P     1 
ATOM   182 O OP1   . DG  A 1 10 ? -4.964  -12.085 11.881  1.00 17.88 ? 10  DG  A OP1   1 
ATOM   183 O OP2   . DG  A 1 10 ? -5.955  -10.125 10.565  1.00 16.72 ? 10  DG  A OP2   1 
ATOM   184 O "O5'" . DG  A 1 10 ? -3.819  -9.861  11.881  1.00 16.67 ? 10  DG  A "O5'" 1 
ATOM   185 C "C5'" . DG  A 1 10 ? -2.641  -10.352 12.546  1.00 15.11 ? 10  DG  A "C5'" 1 
ATOM   186 C "C4'" . DG  A 1 10 ? -1.790  -9.260  13.189  1.00 14.04 ? 10  DG  A "C4'" 1 
ATOM   187 O "O4'" . DG  A 1 10 ? -1.529  -8.217  12.241  1.00 18.64 ? 10  DG  A "O4'" 1 
ATOM   188 C "C3'" . DG  A 1 10 ? -2.484  -8.595  14.360  1.00 13.12 ? 10  DG  A "C3'" 1 
ATOM   189 O "O3'" . DG  A 1 10 ? -2.222  -9.393  15.526  1.00 7.52  ? 10  DG  A "O3'" 1 
ATOM   190 C "C2'" . DG  A 1 10 ? -1.810  -7.220  14.383  1.00 15.11 ? 10  DG  A "C2'" 1 
ATOM   191 C "C1'" . DG  A 1 10 ? -1.634  -6.943  12.880  1.00 18.11 ? 10  DG  A "C1'" 1 
ATOM   192 N N9    . DG  A 1 10 ? -2.758  -6.177  12.305  1.00 20.42 ? 10  DG  A N9    1 
ATOM   193 C C8    . DG  A 1 10 ? -3.906  -6.620  11.686  1.00 19.57 ? 10  DG  A C8    1 
ATOM   194 N N7    . DG  A 1 10 ? -4.711  -5.670  11.337  1.00 20.45 ? 10  DG  A N7    1 
ATOM   195 C C5    . DG  A 1 10 ? -4.059  -4.515  11.749  1.00 19.79 ? 10  DG  A C5    1 
ATOM   196 C C6    . DG  A 1 10 ? -4.502  -3.171  11.728  1.00 17.91 ? 10  DG  A C6    1 
ATOM   197 O O6    . DG  A 1 10 ? -5.539  -2.732  11.256  1.00 13.12 ? 10  DG  A O6    1 
ATOM   198 N N1    . DG  A 1 10 ? -3.595  -2.323  12.345  1.00 16.23 ? 10  DG  A N1    1 
ATOM   199 C C2    . DG  A 1 10 ? -2.408  -2.718  12.917  1.00 17.61 ? 10  DG  A C2    1 
ATOM   200 N N2    . DG  A 1 10 ? -1.680  -1.769  13.495  1.00 15.68 ? 10  DG  A N2    1 
ATOM   201 N N3    . DG  A 1 10 ? -1.983  -3.982  12.932  1.00 19.01 ? 10  DG  A N3    1 
ATOM   202 C C4    . DG  A 1 10 ? -2.861  -4.818  12.332  1.00 19.85 ? 10  DG  A C4    1 
ATOM   203 O "O5'" . DC  B 1 1  ? -4.796  6.727   12.338  1.00 29.79 ? 11  DC  B "O5'" 1 
ATOM   204 C "C5'" . DC  B 1 1  ? -3.455  6.535   11.888  1.00 25.50 ? 11  DC  B "C5'" 1 
ATOM   205 C "C4'" . DC  B 1 1  ? -2.547  6.075   13.004  1.00 24.34 ? 11  DC  B "C4'" 1 
ATOM   206 O "O4'" . DC  B 1 1  ? -3.270  5.203   13.902  1.00 26.49 ? 11  DC  B "O4'" 1 
ATOM   207 C "C3'" . DC  B 1 1  ? -1.585  5.158   12.305  1.00 25.50 ? 11  DC  B "C3'" 1 
ATOM   208 O "O3'" . DC  B 1 1  ? -0.434  5.906   11.988  1.00 22.73 ? 11  DC  B "O3'" 1 
ATOM   209 C "C2'" . DC  B 1 1  ? -1.267  4.222   13.417  1.00 24.53 ? 11  DC  B "C2'" 1 
ATOM   210 C "C1'" . DC  B 1 1  ? -2.645  3.907   13.845  1.00 25.17 ? 11  DC  B "C1'" 1 
ATOM   211 N N1    . DC  B 1 1  ? -3.435  2.844   13.066  1.00 24.58 ? 11  DC  B N1    1 
ATOM   212 C C2    . DC  B 1 1  ? -3.007  1.495   12.996  1.00 22.84 ? 11  DC  B C2    1 
ATOM   213 O O2    . DC  B 1 1  ? -1.957  1.083   13.498  1.00 19.62 ? 11  DC  B O2    1 
ATOM   214 N N3    . DC  B 1 1  ? -3.814  0.590   12.375  1.00 23.13 ? 11  DC  B N3    1 
ATOM   215 C C4    . DC  B 1 1  ? -4.984  0.927   11.831  1.00 25.54 ? 11  DC  B C4    1 
ATOM   216 N N4    . DC  B 1 1  ? -5.748  -0.008  11.272  1.00 23.92 ? 11  DC  B N4    1 
ATOM   217 C C5    . DC  B 1 1  ? -5.440  2.276   11.875  1.00 24.21 ? 11  DC  B C5    1 
ATOM   218 C C6    . DC  B 1 1  ? -4.648  3.169   12.492  1.00 25.11 ? 11  DC  B C6    1 
ATOM   219 P P     . DC  B 1 2  ? 0.398   5.483   10.697  1.00 23.80 ? 12  DC  B P     1 
ATOM   220 O OP1   . DC  B 1 2  ? 1.545   6.397   10.611  1.00 26.78 ? 12  DC  B OP1   1 
ATOM   221 O OP2   . DC  B 1 2  ? -0.547  5.370   9.550   1.00 18.56 ? 12  DC  B OP2   1 
ATOM   222 O "O5'" . DC  B 1 2  ? 0.962   4.014   11.052  1.00 22.26 ? 12  DC  B "O5'" 1 
ATOM   223 C "C5'" . DC  B 1 2  ? 2.046   3.708   11.962  1.00 21.14 ? 12  DC  B "C5'" 1 
ATOM   224 C "C4'" . DC  B 1 2  ? 2.178   2.186   12.042  1.00 19.98 ? 12  DC  B "C4'" 1 
ATOM   225 O "O4'" . DC  B 1 2  ? 0.900   1.572   12.270  1.00 21.68 ? 12  DC  B "O4'" 1 
ATOM   226 C "C3'" . DC  B 1 2  ? 2.575   1.666   10.689  1.00 20.21 ? 12  DC  B "C3'" 1 
ATOM   227 O "O3'" . DC  B 1 2  ? 3.986   1.734   10.591  1.00 20.48 ? 12  DC  B "O3'" 1 
ATOM   228 C "C2'" . DC  B 1 2  ? 2.210   0.220   10.824  1.00 19.72 ? 12  DC  B "C2'" 1 
ATOM   229 C "C1'" . DC  B 1 2  ? 0.865   0.321   11.540  1.00 21.10 ? 12  DC  B "C1'" 1 
ATOM   230 N N1    . DC  B 1 2  ? -0.295  0.120   10.607  1.00 17.73 ? 12  DC  B N1    1 
ATOM   231 C C2    . DC  B 1 2  ? -0.642  -1.196  10.273  1.00 18.67 ? 12  DC  B C2    1 
ATOM   232 O O2    . DC  B 1 2  ? -0.053  -2.171  10.731  1.00 19.24 ? 12  DC  B O2    1 
ATOM   233 N N3    . DC  B 1 2  ? -1.698  -1.384  9.440   1.00 17.31 ? 12  DC  B N3    1 
ATOM   234 C C4    . DC  B 1 2  ? -2.394  -0.371  8.938   1.00 14.38 ? 12  DC  B C4    1 
ATOM   235 N N4    . DC  B 1 2  ? -3.420  -0.654  8.141   1.00 9.19  ? 12  DC  B N4    1 
ATOM   236 C C5    . DC  B 1 2  ? -2.061  0.985   9.266   1.00 13.54 ? 12  DC  B C5    1 
ATOM   237 C C6    . DC  B 1 2  ? -1.016  1.173   10.087  1.00 19.64 ? 12  DC  B C6    1 
ATOM   238 P P     . DG  B 1 3  ? 4.557   2.013   9.112   1.00 17.57 ? 13  DG  B P     1 
ATOM   239 O OP1   . DG  B 1 3  ? 5.980   2.373   9.252   1.00 22.44 ? 13  DG  B OP1   1 
ATOM   240 O OP2   . DG  B 1 3  ? 3.613   2.949   8.468   1.00 15.30 ? 13  DG  B OP2   1 
ATOM   241 O "O5'" . DG  B 1 3  ? 4.427   0.586   8.324   1.00 20.27 ? 13  DG  B "O5'" 1 
ATOM   242 C "C5'" . DG  B 1 3  ? 5.252   -0.559  8.594   1.00 21.06 ? 13  DG  B "C5'" 1 
ATOM   243 C "C4'" . DG  B 1 3  ? 4.656   -1.920  8.169   1.00 20.84 ? 13  DG  B "C4'" 1 
ATOM   244 O "O4'" . DG  B 1 3  ? 3.350   -2.138  8.730   1.00 21.53 ? 13  DG  B "O4'" 1 
ATOM   245 C "C3'" . DG  B 1 3  ? 4.481   -2.194  6.687   1.00 21.08 ? 13  DG  B "C3'" 1 
ATOM   246 O "O3'" . DG  B 1 3  ? 5.771   -2.521  6.148   1.00 22.55 ? 13  DG  B "O3'" 1 
ATOM   247 C "C2'" . DG  B 1 3  ? 3.700   -3.486  6.803   1.00 18.90 ? 13  DG  B "C2'" 1 
ATOM   248 C "C1'" . DG  B 1 3  ? 2.671   -3.075  7.872   1.00 16.15 ? 13  DG  B "C1'" 1 
ATOM   249 N N9    . DG  B 1 3  ? 1.460   -2.502  7.238   1.00 17.37 ? 13  DG  B N9    1 
ATOM   250 C C8    . DG  B 1 3  ? 1.017   -1.201  7.154   1.00 16.19 ? 13  DG  B C8    1 
ATOM   251 N N7    . DG  B 1 3  ? -0.116  -1.070  6.528   1.00 17.32 ? 13  DG  B N7    1 
ATOM   252 C C5    . DG  B 1 3  ? -0.457  -2.370  6.170   1.00 15.76 ? 13  DG  B C5    1 
ATOM   253 C C6    . DG  B 1 3  ? -1.554  -2.838  5.422   1.00 15.00 ? 13  DG  B C6    1 
ATOM   254 O O6    . DG  B 1 3  ? -2.525  -2.191  5.023   1.00 12.89 ? 13  DG  B O6    1 
ATOM   255 N N1    . DG  B 1 3  ? -1.476  -4.221  5.206   1.00 14.40 ? 13  DG  B N1    1 
ATOM   256 C C2    . DG  B 1 3  ? -0.458  -5.030  5.680   1.00 14.47 ? 13  DG  B C2    1 
ATOM   257 N N2    . DG  B 1 3  ? -0.516  -6.329  5.410   1.00 15.55 ? 13  DG  B N2    1 
ATOM   258 N N3    . DG  B 1 3  ? 0.569   -4.575  6.395   1.00 13.68 ? 13  DG  B N3    1 
ATOM   259 C C4    . DG  B 1 3  ? 0.504   -3.250  6.596   1.00 15.22 ? 13  DG  B C4    1 
ATOM   260 P P     . DG  B 1 4  ? 6.154   -2.275  4.584   1.00 17.62 ? 14  DG  B P     1 
ATOM   261 O OP1   . DG  B 1 4  ? 7.623   -2.264  4.477   1.00 19.81 ? 14  DG  B OP1   1 
ATOM   262 O OP2   . DG  B 1 4  ? 5.369   -1.139  4.067   1.00 19.30 ? 14  DG  B OP2   1 
ATOM   263 O "O5'" . DG  B 1 4  ? 5.611   -3.572  3.818   1.00 22.08 ? 14  DG  B "O5'" 1 
ATOM   264 C "C5'" . DG  B 1 4  ? 6.089   -4.891  4.063   1.00 23.37 ? 14  DG  B "C5'" 1 
ATOM   265 C "C4'" . DG  B 1 4  ? 5.166   -5.927  3.461   1.00 23.86 ? 14  DG  B "C4'" 1 
ATOM   266 O "O4'" . DG  B 1 4  ? 3.854   -5.813  4.031   1.00 23.29 ? 14  DG  B "O4'" 1 
ATOM   267 C "C3'" . DG  B 1 4  ? 4.985   -5.658  1.981   1.00 23.75 ? 14  DG  B "C3'" 1 
ATOM   268 O "O3'" . DG  B 1 4  ? 6.037   -6.365  1.308   1.00 28.62 ? 14  DG  B "O3'" 1 
ATOM   269 C "C2'" . DG  B 1 4  ? 3.708   -6.402  1.749   1.00 22.91 ? 14  DG  B "C2'" 1 
ATOM   270 C "C1'" . DG  B 1 4  ? 2.910   -5.953  2.968   1.00 18.05 ? 14  DG  B "C1'" 1 
ATOM   271 N N9    . DG  B 1 4  ? 2.083   -4.743  2.757   1.00 14.01 ? 14  DG  B N9    1 
ATOM   272 C C8    . DG  B 1 4  ? 2.207   -3.446  3.212   1.00 15.12 ? 14  DG  B C8    1 
ATOM   273 N N7    . DG  B 1 4  ? 1.171   -2.696  2.940   1.00 14.74 ? 14  DG  B N7    1 
ATOM   274 C C5    . DG  B 1 4  ? 0.306   -3.549  2.251   1.00 14.78 ? 14  DG  B C5    1 
ATOM   275 C C6    . DG  B 1 4  ? -1.028  -3.359  1.800   1.00 16.18 ? 14  DG  B C6    1 
ATOM   276 O O6    . DG  B 1 4  ? -1.718  -2.341  1.810   1.00 8.22  ? 14  DG  B O6    1 
ATOM   277 N N1    . DG  B 1 4  ? -1.553  -4.535  1.284   1.00 16.71 ? 14  DG  B N1    1 
ATOM   278 C C2    . DG  B 1 4  ? -0.905  -5.743  1.206   1.00 19.90 ? 14  DG  B C2    1 
ATOM   279 N N2    . DG  B 1 4  ? -1.601  -6.756  0.683   1.00 18.71 ? 14  DG  B N2    1 
ATOM   280 N N3    . DG  B 1 4  ? 0.340   -5.924  1.625   1.00 19.11 ? 14  DG  B N3    1 
ATOM   281 C C4    . DG  B 1 4  ? 0.872   -4.796  2.139   1.00 16.21 ? 14  DG  B C4    1 
ATOM   282 P P     . DG  B 1 5  ? 6.470   -6.078  -0.217  1.00 31.58 ? 15  DG  B P     1 
ATOM   283 O OP1   . DG  B 1 5  ? 7.857   -6.529  -0.428  1.00 29.34 ? 15  DG  B OP1   1 
ATOM   284 O OP2   . DG  B 1 5  ? 6.117   -4.664  -0.512  1.00 29.74 ? 15  DG  B OP2   1 
ATOM   285 O "O5'" . DG  B 1 5  ? 5.453   -6.981  -1.083  1.00 26.29 ? 15  DG  B "O5'" 1 
ATOM   286 C "C5'" . DG  B 1 5  ? 5.375   -8.414  -1.209  1.00 19.28 ? 15  DG  B "C5'" 1 
ATOM   287 C "C4'" . DG  B 1 5  ? 4.209   -8.774  -2.154  1.00 16.58 ? 15  DG  B "C4'" 1 
ATOM   288 O "O4'" . DG  B 1 5  ? 2.933   -8.511  -1.535  1.00 17.45 ? 15  DG  B "O4'" 1 
ATOM   289 C "C3'" . DG  B 1 5  ? 4.220   -7.857  -3.374  1.00 15.89 ? 15  DG  B "C3'" 1 
ATOM   290 O "O3'" . DG  B 1 5  ? 5.106   -8.414  -4.341  1.00 19.36 ? 15  DG  B "O3'" 1 
ATOM   291 C "C2'" . DG  B 1 5  ? 2.803   -8.057  -3.864  1.00 16.57 ? 15  DG  B "C2'" 1 
ATOM   292 C "C1'" . DG  B 1 5  ? 2.016   -8.004  -2.538  1.00 16.35 ? 15  DG  B "C1'" 1 
ATOM   293 N N9    . DG  B 1 5  ? 1.504   -6.646  -2.187  1.00 20.21 ? 15  DG  B N9    1 
ATOM   294 C C8    . DG  B 1 5  ? 2.119   -5.698  -1.413  1.00 21.56 ? 15  DG  B C8    1 
ATOM   295 N N7    . DG  B 1 5  ? 1.439   -4.623  -1.213  1.00 22.04 ? 15  DG  B N7    1 
ATOM   296 C C5    . DG  B 1 5  ? 0.265   -4.849  -1.905  1.00 19.79 ? 15  DG  B C5    1 
ATOM   297 C C6    . DG  B 1 5  ? -0.792  -3.949  -2.130  1.00 20.68 ? 15  DG  B C6    1 
ATOM   298 O O6    . DG  B 1 5  ? -0.907  -2.829  -1.647  1.00 17.20 ? 15  DG  B O6    1 
ATOM   299 N N1    . DG  B 1 5  ? -1.737  -4.468  -3.009  1.00 18.71 ? 15  DG  B N1    1 
ATOM   300 C C2    . DG  B 1 5  ? -1.662  -5.721  -3.596  1.00 19.22 ? 15  DG  B C2    1 
ATOM   301 N N2    . DG  B 1 5  ? -2.631  -6.039  -4.460  1.00 17.06 ? 15  DG  B N2    1 
ATOM   302 N N3    . DG  B 1 5  ? -0.653  -6.577  -3.366  1.00 19.71 ? 15  DG  B N3    1 
ATOM   303 C C4    . DG  B 1 5  ? 0.279   -6.085  -2.514  1.00 21.18 ? 15  DG  B C4    1 
ATOM   304 P P     . DC  B 1 6  ? 5.880   -7.444  -5.383  1.00 28.77 ? 16  DC  B P     1 
ATOM   305 O OP1   . DC  B 1 6  ? 6.794   -8.271  -6.179  1.00 24.59 ? 16  DC  B OP1   1 
ATOM   306 O OP2   . DC  B 1 6  ? 6.428   -6.277  -4.639  1.00 25.79 ? 16  DC  B OP2   1 
ATOM   307 O "O5'" . DC  B 1 6  ? 4.714   -6.887  -6.353  1.00 21.52 ? 16  DC  B "O5'" 1 
ATOM   308 C "C5'" . DC  B 1 6  ? 4.242   -7.644  -7.471  1.00 15.37 ? 16  DC  B "C5'" 1 
ATOM   309 C "C4'" . DC  B 1 6  ? 2.972   -7.048  -8.036  1.00 17.74 ? 16  DC  B "C4'" 1 
ATOM   310 O "O4'" . DC  B 1 6  ? 2.022   -6.833  -6.975  1.00 17.26 ? 16  DC  B "O4'" 1 
ATOM   311 C "C3'" . DC  B 1 6  ? 3.201   -5.682  -8.616  1.00 15.16 ? 16  DC  B "C3'" 1 
ATOM   312 O "O3'" . DC  B 1 6  ? 3.673   -5.875  -9.949  1.00 19.07 ? 16  DC  B "O3'" 1 
ATOM   313 C "C2'" . DC  B 1 6  ? 1.759   -5.216  -8.665  1.00 14.63 ? 16  DC  B "C2'" 1 
ATOM   314 C "C1'" . DC  B 1 6  ? 1.322   -5.602  -7.254  1.00 14.79 ? 16  DC  B "C1'" 1 
ATOM   315 N N1    . DC  B 1 6  ? 1.491   -4.556  -6.182  1.00 16.34 ? 16  DC  B N1    1 
ATOM   316 C C2    . DC  B 1 6  ? 0.513   -3.567  -6.070  1.00 16.34 ? 16  DC  B C2    1 
ATOM   317 O O2    . DC  B 1 6  ? -0.434  -3.518  -6.847  1.00 16.15 ? 16  DC  B O2    1 
ATOM   318 N N3    . DC  B 1 6  ? 0.649   -2.638  -5.081  1.00 15.77 ? 16  DC  B N3    1 
ATOM   319 C C4    . DC  B 1 6  ? 1.684   -2.670  -4.222  1.00 17.18 ? 16  DC  B C4    1 
ATOM   320 N N4    . DC  B 1 6  ? 1.805   -1.800  -3.230  1.00 18.10 ? 16  DC  B N4    1 
ATOM   321 C C5    . DC  B 1 6  ? 2.688   -3.670  -4.330  1.00 17.54 ? 16  DC  B C5    1 
ATOM   322 C C6    . DC  B 1 6  ? 2.548   -4.580  -5.310  1.00 19.91 ? 16  DC  B C6    1 
ATOM   323 P P     . DC  B 1 7  ? 4.490   -4.686  -10.669 1.00 23.19 ? 17  DC  B P     1 
ATOM   324 O OP1   . DC  B 1 7  ? 5.002   -5.164  -11.978 1.00 25.42 ? 17  DC  B OP1   1 
ATOM   325 O OP2   . DC  B 1 7  ? 5.431   -4.107  -9.682  1.00 23.96 ? 17  DC  B OP2   1 
ATOM   326 O "O5'" . DC  B 1 7  ? 3.340   -3.623  -10.995 1.00 26.95 ? 17  DC  B "O5'" 1 
ATOM   327 C "C5'" . DC  B 1 7  ? 2.540   -3.805  -12.170 1.00 27.70 ? 17  DC  B "C5'" 1 
ATOM   328 C "C4'" . DC  B 1 7  ? 1.487   -2.746  -12.217 1.00 24.90 ? 17  DC  B "C4'" 1 
ATOM   329 O "O4'" . DC  B 1 7  ? 0.788   -2.764  -10.971 1.00 22.87 ? 17  DC  B "O4'" 1 
ATOM   330 C "C3'" . DC  B 1 7  ? 2.078   -1.368  -12.287 1.00 23.78 ? 17  DC  B "C3'" 1 
ATOM   331 O "O3'" . DC  B 1 7  ? 2.413   -1.141  -13.647 1.00 24.98 ? 17  DC  B "O3'" 1 
ATOM   332 C "C2'" . DC  B 1 7  ? 0.837   -0.595  -11.936 1.00 23.22 ? 17  DC  B "C2'" 1 
ATOM   333 C "C1'" . DC  B 1 7  ? 0.385   -1.404  -10.702 1.00 20.42 ? 17  DC  B "C1'" 1 
ATOM   334 N N1    . DC  B 1 7  ? 0.891   -0.889  -9.378  1.00 15.40 ? 17  DC  B N1    1 
ATOM   335 C C2    . DC  B 1 7  ? 0.193   0.171   -8.798  1.00 14.30 ? 17  DC  B C2    1 
ATOM   336 O O2    . DC  B 1 7  ? -0.754  0.704   -9.372  1.00 13.19 ? 17  DC  B O2    1 
ATOM   337 N N3    . DC  B 1 7  ? 0.584   0.597   -7.571  1.00 10.21 ? 17  DC  B N3    1 
ATOM   338 C C4    . DC  B 1 7  ? 1.617   0.038   -6.920  1.00 10.06 ? 17  DC  B C4    1 
ATOM   339 N N4    . DC  B 1 7  ? 1.943   0.424   -5.698  1.00 2.81  ? 17  DC  B N4    1 
ATOM   340 C C5    . DC  B 1 7  ? 2.360   -1.030  -7.506  1.00 12.65 ? 17  DC  B C5    1 
ATOM   341 C C6    . DC  B 1 7  ? 1.958   -1.454  -8.723  1.00 14.59 ? 17  DC  B C6    1 
ATOM   342 P P     . DC  B 1 8  ? 3.751   -0.317  -14.019 1.00 22.96 ? 18  DC  B P     1 
ATOM   343 O OP1   . DC  B 1 8  ? 3.945   -0.438  -15.488 1.00 25.07 ? 18  DC  B OP1   1 
ATOM   344 O OP2   . DC  B 1 8  ? 4.840   -0.696  -13.106 1.00 21.94 ? 18  DC  B OP2   1 
ATOM   345 O "O5'" . DC  B 1 8  ? 3.301   1.192   -13.662 1.00 25.08 ? 18  DC  B "O5'" 1 
ATOM   346 C "C5'" . DC  B 1 8  ? 2.378   1.968   -14.422 1.00 24.08 ? 18  DC  B "C5'" 1 
ATOM   347 C "C4'" . DC  B 1 8  ? 1.955   3.198   -13.637 1.00 23.52 ? 18  DC  B "C4'" 1 
ATOM   348 O "O4'" . DC  B 1 8  ? 1.355   2.721   -12.416 1.00 19.91 ? 18  DC  B "O4'" 1 
ATOM   349 C "C3'" . DC  B 1 8  ? 3.055   4.145   -13.203 1.00 22.98 ? 18  DC  B "C3'" 1 
ATOM   350 O "O3'" . DC  B 1 8  ? 3.216   5.087   -14.274 1.00 26.66 ? 18  DC  B "O3'" 1 
ATOM   351 C "C2'" . DC  B 1 8  ? 2.346   4.843   -12.047 1.00 20.66 ? 18  DC  B "C2'" 1 
ATOM   352 C "C1'" . DC  B 1 8  ? 1.647   3.646   -11.361 1.00 19.80 ? 18  DC  B "C1'" 1 
ATOM   353 N N1    . DC  B 1 8  ? 2.415   3.110   -10.198 1.00 17.01 ? 18  DC  B N1    1 
ATOM   354 C C2    . DC  B 1 8  ? 2.291   3.801   -8.992  1.00 12.71 ? 18  DC  B C2    1 
ATOM   355 O O2    . DC  B 1 8  ? 1.503   4.732   -8.861  1.00 15.05 ? 18  DC  B O2    1 
ATOM   356 N N3    . DC  B 1 8  ? 3.049   3.401   -7.941  1.00 13.06 ? 18  DC  B N3    1 
ATOM   357 C C4    . DC  B 1 8  ? 3.891   2.373   -8.042  1.00 12.12 ? 18  DC  B C4    1 
ATOM   358 N N4    . DC  B 1 8  ? 4.610   2.010   -6.993  1.00 10.95 ? 18  DC  B N4    1 
ATOM   359 C C5    . DC  B 1 8  ? 4.022   1.641   -9.265  1.00 11.37 ? 18  DC  B C5    1 
ATOM   360 C C6    . DC  B 1 8  ? 3.273   2.044   -10.307 1.00 14.75 ? 18  DC  B C6    1 
ATOM   361 P P     . DG  B 1 9  ? 4.407   6.181   -14.396 1.00 29.81 ? 19  DG  B P     1 
ATOM   362 O OP1   . DG  B 1 9  ? 4.471   6.607   -15.817 1.00 33.39 ? 19  DG  B OP1   1 
ATOM   363 O OP2   . DG  B 1 9  ? 5.631   5.691   -13.757 1.00 28.09 ? 19  DG  B OP2   1 
ATOM   364 O "O5'" . DG  B 1 9  ? 3.819   7.389   -13.521 1.00 27.97 ? 19  DG  B "O5'" 1 
ATOM   365 C "C5'" . DG  B 1 9  ? 4.631   8.060   -12.575 1.00 20.87 ? 19  DG  B "C5'" 1 
ATOM   366 C "C4'" . DG  B 1 9  ? 3.804   8.802   -11.572 1.00 21.43 ? 19  DG  B "C4'" 1 
ATOM   367 O "O4'" . DG  B 1 9  ? 3.190   7.866   -10.662 1.00 20.57 ? 19  DG  B "O4'" 1 
ATOM   368 C "C3'" . DG  B 1 9  ? 4.745   9.629   -10.738 1.00 23.63 ? 19  DG  B "C3'" 1 
ATOM   369 O "O3'" . DG  B 1 9  ? 4.768   10.922  -11.338 1.00 24.14 ? 19  DG  B "O3'" 1 
ATOM   370 C "C2'" . DG  B 1 9  ? 3.952   9.715   -9.459  1.00 19.90 ? 19  DG  B "C2'" 1 
ATOM   371 C "C1'" . DG  B 1 9  ? 3.525   8.270   -9.326  1.00 15.34 ? 19  DG  B "C1'" 1 
ATOM   372 N N9    . DG  B 1 9  ? 4.561   7.409   -8.719  1.00 14.60 ? 19  DG  B N9    1 
ATOM   373 C C8    . DG  B 1 9  ? 5.217   6.328   -9.256  1.00 11.25 ? 19  DG  B C8    1 
ATOM   374 N N7    . DG  B 1 9  ? 5.972   5.682   -8.434  1.00 10.18 ? 19  DG  B N7    1 
ATOM   375 C C5    . DG  B 1 9  ? 5.815   6.375   -7.247  1.00 9.05  ? 19  DG  B C5    1 
ATOM   376 C C6    . DG  B 1 9  ? 6.406   6.109   -5.998  1.00 9.15  ? 19  DG  B C6    1 
ATOM   377 O O6    . DG  B 1 9  ? 7.194   5.213   -5.710  1.00 8.82  ? 19  DG  B O6    1 
ATOM   378 N N1    . DG  B 1 9  ? 6.018   7.032   -5.048  1.00 6.64  ? 19  DG  B N1    1 
ATOM   379 C C2    . DG  B 1 9  ? 5.169   8.083   -5.288  1.00 7.67  ? 19  DG  B C2    1 
ATOM   380 N N2    . DG  B 1 9  ? 4.967   8.898   -4.272  1.00 9.45  ? 19  DG  B N2    1 
ATOM   381 N N3    . DG  B 1 9  ? 4.602   8.346   -6.471  1.00 9.01  ? 19  DG  B N3    1 
ATOM   382 C C4    . DG  B 1 9  ? 4.985   7.448   -7.405  1.00 9.60  ? 19  DG  B C4    1 
ATOM   383 P P     . DG  B 1 10 ? 6.054   11.888  -11.249 1.00 22.48 ? 20  DG  B P     1 
ATOM   384 O OP1   . DG  B 1 10 ? 5.756   13.126  -11.984 1.00 25.75 ? 20  DG  B OP1   1 
ATOM   385 O OP2   . DG  B 1 10 ? 7.252   11.085  -11.592 1.00 22.89 ? 20  DG  B OP2   1 
ATOM   386 O "O5'" . DG  B 1 10 ? 6.116   12.247  -9.678  1.00 24.25 ? 20  DG  B "O5'" 1 
ATOM   387 C "C5'" . DG  B 1 10 ? 5.244   13.240  -9.112  1.00 23.04 ? 20  DG  B "C5'" 1 
ATOM   388 C "C4'" . DG  B 1 10 ? 5.555   13.494  -7.643  1.00 21.38 ? 20  DG  B "C4'" 1 
ATOM   389 O "O4'" . DG  B 1 10 ? 5.477   12.247  -6.960  1.00 22.10 ? 20  DG  B "O4'" 1 
ATOM   390 C "C3'" . DG  B 1 10 ? 6.957   14.017  -7.373  1.00 23.38 ? 20  DG  B "C3'" 1 
ATOM   391 O "O3'" . DG  B 1 10 ? 6.977   15.440  -7.598  1.00 23.68 ? 20  DG  B "O3'" 1 
ATOM   392 C "C2'" . DG  B 1 10 ? 7.121   13.596  -5.909  1.00 20.65 ? 20  DG  B "C2'" 1 
ATOM   393 C "C1'" . DG  B 1 10 ? 6.471   12.196  -5.935  1.00 20.41 ? 20  DG  B "C1'" 1 
ATOM   394 N N9    . DG  B 1 10 ? 7.336   11.000  -6.172  1.00 13.30 ? 20  DG  B N9    1 
ATOM   395 C C8    . DG  B 1 10 ? 7.641   10.336  -7.341  1.00 14.72 ? 20  DG  B C8    1 
ATOM   396 N N7    . DG  B 1 10 ? 8.359   9.255   -7.170  1.00 11.72 ? 20  DG  B N7    1 
ATOM   397 C C5    . DG  B 1 10 ? 8.552   9.197   -5.789  1.00 9.58  ? 20  DG  B C5    1 
ATOM   398 C C6    . DG  B 1 10 ? 9.346   8.315   -5.012  1.00 11.44 ? 20  DG  B C6    1 
ATOM   399 O O6    . DG  B 1 10 ? 9.976   7.315   -5.373  1.00 10.41 ? 20  DG  B O6    1 
ATOM   400 N N1    . DG  B 1 10 ? 9.388   8.707   -3.690  1.00 11.15 ? 20  DG  B N1    1 
ATOM   401 C C2    . DG  B 1 10 ? 8.737   9.796   -3.161  1.00 11.69 ? 20  DG  B C2    1 
ATOM   402 N N2    . DG  B 1 10 ? 8.919   10.021  -1.861  1.00 14.52 ? 20  DG  B N2    1 
ATOM   403 N N3    . DG  B 1 10 ? 7.972   10.617  -3.881  1.00 13.66 ? 20  DG  B N3    1 
ATOM   404 C C4    . DG  B 1 10 ? 7.927   10.254  -5.188  1.00 11.48 ? 20  DG  B C4    1 
HETATM 405 N N1    . SPM C 2 .  ? -3.780  12.334  2.261   1.00 41.05 ? 21  SPM A N1    1 
HETATM 406 C C2    . SPM C 2 .  ? -3.473  10.983  2.700   1.00 37.42 ? 21  SPM A C2    1 
HETATM 407 C C3    . SPM C 2 .  ? -2.146  10.975  3.447   1.00 41.72 ? 21  SPM A C3    1 
HETATM 408 C C4    . SPM C 2 .  ? -1.579  9.610   3.837   1.00 38.45 ? 21  SPM A C4    1 
HETATM 409 N N5    . SPM C 2 .  ? -0.456  9.780   4.742   1.00 36.75 ? 21  SPM A N5    1 
HETATM 410 C C6    . SPM C 2 .  ? -0.373  8.647   5.649   1.00 34.30 ? 21  SPM A C6    1 
HETATM 411 C C7    . SPM C 2 .  ? 0.673   8.932   6.724   1.00 32.20 ? 21  SPM A C7    1 
HETATM 412 C C8    . SPM C 2 .  ? 1.032   7.729   7.597   1.00 32.06 ? 21  SPM A C8    1 
HETATM 413 C C9    . SPM C 2 .  ? 2.484   7.941   8.025   1.00 33.50 ? 21  SPM A C9    1 
HETATM 414 N N10   . SPM C 2 .  ? 3.159   6.671   8.220   1.00 37.45 ? 21  SPM A N10   1 
HETATM 415 C C11   . SPM C 2 .  ? 4.307   6.711   7.335   1.00 36.87 ? 21  SPM A C11   1 
HETATM 416 C C12   . SPM C 2 .  ? 4.825   5.313   7.090   1.00 35.47 ? 21  SPM A C12   1 
HETATM 417 C C13   . SPM C 2 .  ? 4.743   5.049   5.596   1.00 33.67 ? 21  SPM A C13   1 
HETATM 418 N N14   . SPM C 2 .  ? 5.138   3.689   5.295   1.00 40.31 ? 21  SPM A N14   1 
HETATM 419 N N1    . SPM D 2 .  ? -4.122  -17.109 6.215   1.00 42.84 ? 22  SPM A N1    1 
HETATM 420 C C2    . SPM D 2 .  ? -5.321  -16.298 6.165   1.00 37.87 ? 22  SPM A C2    1 
HETATM 421 C C3    . SPM D 2 .  ? -5.853  -16.109 7.572   1.00 38.42 ? 22  SPM A C3    1 
HETATM 422 C C4    . SPM D 2 .  ? -6.615  -14.822 7.631   1.00 35.22 ? 22  SPM A C4    1 
HETATM 423 N N5    . SPM D 2 .  ? -7.217  -14.588 8.924   1.00 33.28 ? 22  SPM A N5    1 
HETATM 424 C C6    . SPM D 2 .  ? -8.461  -13.913 8.639   1.00 29.32 ? 22  SPM A C6    1 
HETATM 425 C C7    . SPM D 2 .  ? -8.711  -12.859 9.682   1.00 32.88 ? 22  SPM A C7    1 
HETATM 426 C C8    . SPM D 2 .  ? -9.251  -11.644 8.968   1.00 36.90 ? 22  SPM A C8    1 
HETATM 427 C C9    . SPM D 2 .  ? -9.118  -10.443 9.875   1.00 38.26 ? 22  SPM A C9    1 
HETATM 428 N N10   . SPM D 2 .  ? -8.783  -9.267  9.094   1.00 38.99 ? 22  SPM A N10   1 
HETATM 429 C C11   . SPM D 2 .  ? -8.492  -8.182  10.008  1.00 37.63 ? 22  SPM A C11   1 
HETATM 430 C C12   . SPM D 2 .  ? -7.715  -7.092  9.281   1.00 38.31 ? 22  SPM A C12   1 
HETATM 431 C C13   . SPM D 2 .  ? -7.652  -5.830  10.124  1.00 37.82 ? 22  SPM A C13   1 
HETATM 432 N N14   . SPM D 2 .  ? -6.949  -4.775  9.415   1.00 39.43 ? 22  SPM A N14   1 
HETATM 433 O O     . HOH E 3 .  ? -7.847  -14.005 1.110   1.00 39.52 ? 23  HOH A O     1 
HETATM 434 O O     . HOH E 3 .  ? -11.413 -0.648  4.397   1.00 55.58 ? 24  HOH A O     1 
HETATM 435 O O     . HOH E 3 .  ? -13.399 -1.413  -1.499  1.00 43.37 ? 25  HOH A O     1 
HETATM 436 O O     . HOH E 3 .  ? -15.700 -2.890  -3.093  1.00 29.81 ? 26  HOH A O     1 
HETATM 437 O O     . HOH E 3 .  ? -8.461  -0.870  -1.536  1.00 35.69 ? 27  HOH A O     1 
HETATM 438 O O     . HOH E 3 .  ? -5.850  1.759   -0.951  1.00 35.88 ? 28  HOH A O     1 
HETATM 439 O O     . HOH E 3 .  ? -11.992 3.161   -6.321  1.00 39.31 ? 29  HOH A O     1 
HETATM 440 O O     . HOH E 3 .  ? -10.689 6.717   -4.265  1.00 40.75 ? 30  HOH A O     1 
HETATM 441 O O     . HOH E 3 .  ? -4.191  6.360   -1.569  1.00 33.30 ? 31  HOH A O     1 
HETATM 442 O O     . HOH E 3 .  ? -2.377  4.340   -0.699  1.00 49.27 ? 32  HOH A O     1 
HETATM 443 O O     . HOH E 3 .  ? 0.114   5.050   -1.369  1.00 18.96 ? 33  HOH A O     1 
HETATM 444 O O     . HOH E 3 .  ? 1.758   1.987   -2.372  1.00 21.84 ? 34  HOH A O     1 
HETATM 445 O O     . HOH E 3 .  ? -1.477  6.506   1.993   1.00 38.79 ? 35  HOH A O     1 
HETATM 446 O O     . HOH E 3 .  ? 5.457   2.805   -2.734  1.00 31.15 ? 36  HOH A O     1 
HETATM 447 O O     . HOH E 3 .  ? 6.205   3.136   1.780   1.00 33.89 ? 37  HOH A O     1 
HETATM 448 O O     . HOH E 3 .  ? 10.710  3.167   -3.934  1.00 51.04 ? 38  HOH A O     1 
HETATM 449 O O     . HOH E 3 .  ? 11.126  1.885   2.539   1.00 29.57 ? 39  HOH A O     1 
HETATM 450 O O     . HOH E 3 .  ? -8.968  -3.464  -9.638  1.00 34.00 ? 45  HOH A O     1 
HETATM 451 O O     . HOH E 3 .  ? -4.806  -0.106  -8.293  1.00 40.79 ? 46  HOH A O     1 
HETATM 452 O O     . HOH E 3 .  ? 1.719   -11.041 12.381  1.00 34.83 ? 53  HOH A O     1 
HETATM 453 O O     . HOH E 3 .  ? 0.875   -7.615  9.766   1.00 28.19 ? 54  HOH A O     1 
HETATM 454 O O     . HOH E 3 .  ? -10.224 -12.988 4.898   1.00 33.67 ? 56  HOH A O     1 
HETATM 455 O O     . HOH E 3 .  ? -7.524  -5.500  5.510   1.00 39.17 ? 57  HOH A O     1 
HETATM 456 O O     . HOH E 3 .  ? -12.614 -0.679  -4.062  1.00 39.67 ? 58  HOH A O     1 
HETATM 457 O O     . HOH E 3 .  ? -13.001 2.370   -1.848  1.00 38.72 ? 59  HOH A O     1 
HETATM 458 O O     . HOH E 3 .  ? -14.553 2.636   -4.930  1.00 52.80 ? 60  HOH A O     1 
HETATM 459 O O     . HOH E 3 .  ? -10.049 3.869   -1.326  1.00 36.70 ? 61  HOH A O     1 
HETATM 460 O O     . HOH E 3 .  ? -8.924  0.906   -8.759  1.00 27.20 ? 62  HOH A O     1 
HETATM 461 O O     . HOH E 3 .  ? -11.628 -2.351  -8.562  1.00 38.50 ? 63  HOH A O     1 
HETATM 462 O O     . HOH E 3 .  ? -5.799  5.005   1.740   1.00 49.71 ? 64  HOH A O     1 
HETATM 463 O O     . HOH E 3 .  ? 0.960   4.380   1.101   1.00 47.30 ? 65  HOH A O     1 
HETATM 464 O O     . HOH E 3 .  ? 4.460   4.263   0.183   1.00 33.00 ? 66  HOH A O     1 
HETATM 465 O O     . HOH E 3 .  ? 10.897  1.699   5.648   1.00 30.98 ? 67  HOH A O     1 
HETATM 466 O O     . HOH E 3 .  ? 12.104  1.485   -5.552  1.00 48.97 ? 73  HOH A O     1 
HETATM 467 O O     . HOH E 3 .  ? 7.750   1.691   -5.282  1.00 37.96 ? 78  HOH A O     1 
HETATM 468 O O     . HOH E 3 .  ? -6.799  -2.162  -9.086  1.00 51.90 ? 79  HOH A O     1 
HETATM 469 O O     . HOH E 3 .  ? -11.746 -11.802 2.145   1.00 51.78 ? 85  HOH A O     1 
HETATM 470 O O     . HOH E 3 .  ? -7.735  -2.288  3.462   1.00 25.99 ? 86  HOH A O     1 
HETATM 471 O O     . HOH E 3 .  ? -9.245  -2.948  0.789   1.00 39.95 ? 87  HOH A O     1 
HETATM 472 O O     . HOH E 3 .  ? -12.586 -5.195  1.195   1.00 20.29 ? 88  HOH A O     1 
HETATM 473 O O     . HOH E 3 .  ? -11.871 -5.304  3.615   1.00 41.27 ? 89  HOH A O     1 
HETATM 474 O O     . HOH E 3 .  ? 9.207   2.638   0.772   1.00 33.49 ? 91  HOH A O     1 
HETATM 475 O O     . HOH E 3 .  ? -10.063 -4.784  5.891   1.00 49.01 ? 95  HOH A O     1 
HETATM 476 O O     . HOH E 3 .  ? -11.909 -2.765  0.191   1.00 46.25 ? 96  HOH A O     1 
HETATM 477 O O     . HOH E 3 .  ? -14.406 -1.542  -6.139  1.00 37.68 ? 97  HOH A O     1 
HETATM 478 O O     . HOH E 3 .  ? -0.638  2.391   -0.930  1.00 37.95 ? 98  HOH A O     1 
HETATM 479 O O     . HOH E 3 .  ? 9.400   2.200   -1.811  1.00 36.52 ? 99  HOH A O     1 
HETATM 480 O O     . HOH E 3 .  ? -2.028  13.425  0.589   1.00 36.99 ? 100 HOH A O     1 
HETATM 481 O O     . HOH E 3 .  ? -0.830  15.923  0.391   1.00 46.09 ? 101 HOH A O     1 
HETATM 482 O O     . HOH E 3 .  ? -12.860 -7.003  -1.738  1.00 27.55 ? 102 HOH A O     1 
HETATM 483 O O     . HOH E 3 .  ? -0.369  -12.628 10.040  1.00 40.42 ? 103 HOH A O     1 
HETATM 484 O O     . HOH E 3 .  ? -5.125  -19.351 7.252   1.00 48.04 ? 104 HOH A O     1 
HETATM 485 O O     . HOH E 3 .  ? -3.844  -14.815 3.725   1.00 40.03 ? 105 HOH A O     1 
HETATM 486 O O     . HOH E 3 .  ? 0.611   -10.169 10.231  1.00 46.51 ? 106 HOH A O     1 
HETATM 487 O O     . HOH E 3 .  ? -2.444  -13.164 10.935  1.00 37.55 ? 107 HOH A O     1 
HETATM 488 O O     . HOH E 3 .  ? -2.946  -15.161 8.415   1.00 28.93 ? 108 HOH A O     1 
HETATM 489 O O     . HOH F 3 .  ? -1.935  -4.674  -8.536  1.00 35.91 ? 40  HOH B O     1 
HETATM 490 O O     . HOH F 3 .  ? 9.884   -5.045  0.915   1.00 57.25 ? 41  HOH B O     1 
HETATM 491 O O     . HOH F 3 .  ? 5.212   -1.063  -10.287 1.00 16.65 ? 42  HOH B O     1 
HETATM 492 O O     . HOH F 3 .  ? 4.624   7.416   12.321  1.00 32.39 ? 43  HOH B O     1 
HETATM 493 O O     . HOH F 3 .  ? 0.228   -5.730  -14.168 1.00 47.94 ? 44  HOH B O     1 
HETATM 494 O O     . HOH F 3 .  ? 3.212   -2.847  -0.431  1.00 28.17 ? 47  HOH B O     1 
HETATM 495 O O     . HOH F 3 .  ? -1.829  0.867   6.005   1.00 23.05 ? 48  HOH B O     1 
HETATM 496 O O     . HOH F 3 .  ? -1.352  0.460   3.250   1.00 39.13 ? 49  HOH B O     1 
HETATM 497 O O     . HOH F 3 .  ? -5.810  2.224   7.560   1.00 23.86 ? 50  HOH B O     1 
HETATM 498 O O     . HOH F 3 .  ? -4.865  -1.283  6.262   1.00 36.36 ? 51  HOH B O     1 
HETATM 499 O O     . HOH F 3 .  ? -4.789  7.553   15.704  1.00 50.77 ? 52  HOH B O     1 
HETATM 500 O O     . HOH F 3 .  ? 2.184   -6.382  7.728   1.00 18.76 ? 55  HOH B O     1 
HETATM 501 O O     . HOH F 3 .  ? 8.746   -0.316  2.318   1.00 41.89 ? 68  HOH B O     1 
HETATM 502 O O     . HOH F 3 .  ? 6.836   -1.498  0.769   1.00 51.15 ? 69  HOH B O     1 
HETATM 503 O O     . HOH F 3 .  ? 5.430   -2.597  -2.159  1.00 35.23 ? 70  HOH B O     1 
HETATM 504 O O     . HOH F 3 .  ? 9.612   -1.371  -1.477  1.00 41.31 ? 71  HOH B O     1 
HETATM 505 O O     . HOH F 3 .  ? 4.694   -0.152  -4.861  1.00 24.88 ? 72  HOH B O     1 
HETATM 506 O O     . HOH F 3 .  ? 5.853   -3.179  -6.931  1.00 18.86 ? 74  HOH B O     1 
HETATM 507 O O     . HOH F 3 .  ? -3.319  0.318   -10.487 1.00 36.71 ? 75  HOH B O     1 
HETATM 508 O O     . HOH F 3 .  ? 7.163   3.118   -9.798  1.00 21.36 ? 76  HOH B O     1 
HETATM 509 O O     . HOH F 3 .  ? 7.197   0.218   -9.245  1.00 40.73 ? 77  HOH B O     1 
HETATM 510 O O     . HOH F 3 .  ? 8.253   3.648   -7.571  1.00 47.98 ? 80  HOH B O     1 
HETATM 511 O O     . HOH F 3 .  ? 8.723   -1.265  -11.740 1.00 40.74 ? 81  HOH B O     1 
HETATM 512 O O     . HOH F 3 .  ? 8.123   -1.669  -3.913  1.00 37.44 ? 82  HOH B O     1 
HETATM 513 O O     . HOH F 3 .  ? 7.599   1.022   5.035   1.00 45.39 ? 83  HOH B O     1 
HETATM 514 O O     . HOH F 3 .  ? 1.940   7.362   13.035  1.00 40.42 ? 84  HOH B O     1 
HETATM 515 O O     . HOH F 3 .  ? 3.196   0.323   1.374   1.00 43.13 ? 90  HOH B O     1 
HETATM 516 O O     . HOH F 3 .  ? 6.827   4.399   -12.088 1.00 42.44 ? 92  HOH B O     1 
HETATM 517 O O     . HOH F 3 .  ? 8.082   2.902   -14.112 1.00 30.48 ? 93  HOH B O     1 
HETATM 518 O O     . HOH F 3 .  ? 5.747   9.187   -16.587 1.00 41.63 ? 94  HOH B O     1 
# 
